data_5EMW
#
_entry.id   5EMW
#
_cell.length_a   65.310
_cell.length_b   123.530
_cell.length_c   150.730
_cell.angle_alpha   90.00
_cell.angle_beta   90.00
_cell.angle_gamma   90.00
#
_symmetry.space_group_name_H-M   'P 21 21 21'
#
loop_
_entity.id
_entity.type
_entity.pdbx_description
1 polymer 'Transcriptional enhancer factor TEF-5'
2 non-polymer 'CALCIUM ION'
3 water water
#
_entity_poly.entity_id   1
_entity_poly.type   'polypeptide(L)'
_entity_poly.pdbx_seq_one_letter_code
;TIASSRLRLLEYSAFMEVQRDPDTYSKHLFVHIGQTNPAFSDPPLEAVDVRQIYDKFPEKKGGLKELYEKGPPNAFFLVK
FWADLNSTIQEGPGAFYGVSSQYSSADSMTISVSTKVCSFGKQVVEKVETEYARLENGRFVYRIHRSPM(P1L)EYMINF
IHKLKHLPEKYMMNSVLENFTILQVVTSRDSQETLLVIAFVFEVSTSEHGAQHHVYKLVKD
;
_entity_poly.pdbx_strand_id   A,B,C,D
#
# COMPACT_ATOMS: atom_id res chain seq x y z
N THR A 1 11.09 6.44 -16.24
CA THR A 1 11.21 7.01 -17.57
C THR A 1 10.00 6.65 -18.43
N ILE A 2 9.24 5.67 -17.97
CA ILE A 2 8.06 5.20 -18.69
C ILE A 2 6.85 6.03 -18.31
N ALA A 3 6.63 7.11 -19.04
CA ALA A 3 5.51 8.00 -18.76
C ALA A 3 4.95 8.59 -20.05
N SER A 4 3.63 8.60 -20.15
CA SER A 4 2.97 9.33 -21.22
C SER A 4 2.68 10.75 -20.76
N SER A 5 1.88 11.49 -21.52
CA SER A 5 1.57 12.86 -21.16
C SER A 5 0.45 12.90 -20.13
N ARG A 6 -0.17 11.74 -19.88
CA ARG A 6 -1.30 11.65 -18.98
C ARG A 6 -1.08 10.68 -17.80
N LEU A 7 -0.10 9.79 -17.92
CA LEU A 7 0.13 8.80 -16.88
C LEU A 7 1.57 8.31 -16.84
N ARG A 8 2.11 8.17 -15.62
CA ARG A 8 3.48 7.71 -15.41
C ARG A 8 3.52 6.40 -14.63
N LEU A 9 4.39 5.48 -15.04
CA LEU A 9 4.65 4.27 -14.27
C LEU A 9 5.74 4.54 -13.25
N LEU A 10 5.40 4.38 -11.98
CA LEU A 10 6.34 4.65 -10.89
C LEU A 10 7.09 3.41 -10.44
N GLU A 11 6.42 2.27 -10.50
CA GLU A 11 6.99 1.03 -10.01
C GLU A 11 6.37 -0.18 -10.70
N TYR A 12 7.17 -1.22 -10.90
CA TYR A 12 6.65 -2.51 -11.36
C TYR A 12 7.56 -3.62 -10.87
N SER A 13 7.01 -4.50 -10.05
CA SER A 13 7.79 -5.59 -9.48
C SER A 13 7.01 -6.90 -9.49
N ALA A 14 7.63 -7.94 -10.01
CA ALA A 14 7.09 -9.29 -9.94
C ALA A 14 8.00 -10.10 -9.03
N PHE A 15 7.41 -10.79 -8.07
CA PHE A 15 8.21 -11.42 -7.03
C PHE A 15 7.57 -12.67 -6.44
N MET A 16 8.38 -13.48 -5.79
CA MET A 16 7.86 -14.58 -4.99
C MET A 16 8.29 -14.39 -3.53
N GLU A 17 7.38 -14.71 -2.62
CA GLU A 17 7.62 -14.49 -1.20
C GLU A 17 7.44 -15.78 -0.42
N VAL A 18 8.43 -16.12 0.42
CA VAL A 18 8.37 -17.36 1.17
C VAL A 18 8.45 -17.12 2.67
N GLN A 19 7.55 -17.77 3.41
CA GLN A 19 7.50 -17.68 4.86
C GLN A 19 8.30 -18.82 5.49
N ARG A 20 9.46 -18.50 6.05
CA ARG A 20 10.35 -19.49 6.65
C ARG A 20 9.86 -19.93 8.03
N ASP A 21 9.20 -18.98 8.71
CA ASP A 21 8.54 -19.23 10.00
C ASP A 21 7.62 -18.03 10.21
N PRO A 22 6.75 -18.06 11.23
CA PRO A 22 5.77 -16.97 11.37
C PRO A 22 6.35 -15.54 11.39
N ASP A 23 7.61 -15.38 11.74
CA ASP A 23 8.21 -14.06 11.83
C ASP A 23 9.33 -13.84 10.82
N THR A 24 9.45 -14.73 9.83
CA THR A 24 10.53 -14.62 8.86
C THR A 24 10.04 -14.80 7.43
N TYR A 25 10.25 -13.78 6.61
CA TYR A 25 9.85 -13.83 5.20
C TYR A 25 11.04 -13.56 4.29
N SER A 26 11.14 -14.34 3.21
CA SER A 26 12.18 -14.14 2.22
C SER A 26 11.56 -13.82 0.86
N LYS A 27 12.05 -12.78 0.21
CA LYS A 27 11.45 -12.29 -1.03
C LYS A 27 12.45 -12.23 -2.18
N HIS A 28 12.07 -12.81 -3.31
CA HIS A 28 12.90 -12.78 -4.52
C HIS A 28 12.22 -12.02 -5.64
N LEU A 29 12.94 -11.05 -6.22
CA LEU A 29 12.41 -10.27 -7.33
C LEU A 29 12.78 -10.89 -8.67
N PHE A 30 11.78 -11.13 -9.52
CA PHE A 30 12.03 -11.61 -10.87
C PHE A 30 12.40 -10.43 -11.76
N VAL A 31 11.55 -9.41 -11.75
CA VAL A 31 11.79 -8.17 -12.46
C VAL A 31 11.44 -6.98 -11.58
N HIS A 32 12.03 -5.83 -11.87
CA HIS A 32 11.73 -4.62 -11.09
C HIS A 32 12.08 -3.34 -11.83
N ILE A 33 11.19 -2.36 -11.72
CA ILE A 33 11.42 -1.01 -12.24
C ILE A 33 11.12 0.01 -11.15
N GLY A 34 12.05 0.94 -10.95
CA GLY A 34 11.89 1.97 -9.94
C GLY A 34 11.86 3.37 -10.53
N PRO A 43 15.84 10.81 -18.41
CA PRO A 43 16.75 10.32 -19.44
C PRO A 43 16.03 10.12 -20.77
N PRO A 44 16.72 10.42 -21.89
CA PRO A 44 16.13 10.23 -23.22
C PRO A 44 16.04 8.75 -23.59
N LEU A 45 15.12 8.41 -24.48
CA LEU A 45 14.90 7.03 -24.86
C LEU A 45 15.24 6.80 -26.33
N GLU A 46 15.79 5.63 -26.62
CA GLU A 46 16.05 5.23 -28.00
C GLU A 46 14.77 4.71 -28.64
N ALA A 47 14.54 5.05 -29.90
CA ALA A 47 13.31 4.68 -30.57
C ALA A 47 13.42 3.32 -31.25
N VAL A 48 12.32 2.59 -31.26
CA VAL A 48 12.21 1.31 -31.97
C VAL A 48 10.95 1.33 -32.82
N ASP A 49 11.05 0.88 -34.06
CA ASP A 49 9.89 0.86 -34.95
C ASP A 49 8.85 -0.14 -34.45
N VAL A 50 7.64 0.35 -34.20
CA VAL A 50 6.58 -0.46 -33.59
C VAL A 50 6.06 -1.54 -34.55
N ARG A 51 6.20 -1.30 -35.84
CA ARG A 51 5.70 -2.25 -36.85
C ARG A 51 6.42 -3.58 -36.76
N GLN A 52 7.57 -3.61 -36.08
CA GLN A 52 8.36 -4.82 -35.97
C GLN A 52 7.81 -5.82 -34.94
N ILE A 53 7.08 -5.33 -33.94
CA ILE A 53 6.55 -6.21 -32.89
C ILE A 53 5.06 -6.51 -33.02
N TYR A 54 4.47 -6.15 -34.15
CA TYR A 54 3.06 -6.45 -34.39
C TYR A 54 2.80 -7.94 -34.32
N ASP A 55 3.77 -8.72 -34.80
CA ASP A 55 3.65 -10.18 -34.85
C ASP A 55 3.77 -10.83 -33.48
N LYS A 56 4.32 -10.10 -32.50
CA LYS A 56 4.53 -10.68 -31.18
C LYS A 56 3.35 -10.45 -30.25
N PHE A 57 2.25 -9.92 -30.79
CA PHE A 57 1.06 -9.64 -30.01
C PHE A 57 -0.18 -9.85 -30.88
N PRO A 58 -1.37 -9.97 -30.24
CA PRO A 58 -2.61 -10.10 -31.03
C PRO A 58 -2.74 -8.98 -32.06
N GLU A 59 -2.97 -9.34 -33.32
CA GLU A 59 -2.98 -8.38 -34.41
C GLU A 59 -4.36 -8.25 -35.04
N LYS A 60 -5.37 -8.77 -34.36
CA LYS A 60 -6.75 -8.61 -34.80
C LYS A 60 -7.30 -7.30 -34.25
N LYS A 61 -8.62 -7.15 -34.26
CA LYS A 61 -9.26 -6.00 -33.64
C LYS A 61 -8.95 -5.99 -32.14
N GLY A 62 -8.46 -4.84 -31.66
CA GLY A 62 -8.06 -4.71 -30.27
C GLY A 62 -6.59 -4.99 -30.08
N GLY A 63 -5.85 -5.03 -31.19
CA GLY A 63 -4.43 -5.35 -31.17
C GLY A 63 -3.52 -4.14 -31.11
N LEU A 64 -2.21 -4.41 -31.07
CA LEU A 64 -1.21 -3.37 -30.92
C LEU A 64 -1.23 -2.35 -32.06
N LYS A 65 -1.40 -2.85 -33.28
CA LYS A 65 -1.47 -2.00 -34.47
C LYS A 65 -2.66 -1.05 -34.40
N GLU A 66 -3.82 -1.61 -34.05
CA GLU A 66 -5.03 -0.81 -33.91
C GLU A 66 -4.88 0.21 -32.78
N LEU A 67 -4.32 -0.26 -31.67
CA LEU A 67 -4.07 0.60 -30.52
C LEU A 67 -3.17 1.78 -30.86
N TYR A 68 -2.09 1.51 -31.59
CA TYR A 68 -1.12 2.55 -31.92
C TYR A 68 -1.70 3.58 -32.88
N GLU A 69 -2.45 3.11 -33.86
CA GLU A 69 -3.07 3.98 -34.85
C GLU A 69 -4.14 4.85 -34.19
N LYS A 70 -4.76 4.32 -33.15
CA LYS A 70 -5.72 5.08 -32.35
C LYS A 70 -5.01 6.20 -31.62
N GLY A 71 -3.76 5.94 -31.22
CA GLY A 71 -2.96 6.93 -30.52
C GLY A 71 -3.32 7.04 -29.05
N PRO A 72 -2.67 7.95 -28.34
CA PRO A 72 -1.59 8.82 -28.83
C PRO A 72 -0.25 8.11 -28.87
N PRO A 73 0.62 8.49 -29.82
CA PRO A 73 1.93 7.83 -30.03
C PRO A 73 2.85 7.88 -28.80
N ASN A 74 2.75 8.94 -28.01
CA ASN A 74 3.66 9.14 -26.88
C ASN A 74 3.33 8.24 -25.68
N ALA A 75 2.37 7.35 -25.84
CA ALA A 75 1.94 6.49 -24.75
C ALA A 75 2.45 5.06 -24.91
N PHE A 76 3.27 4.82 -25.93
CA PHE A 76 3.69 3.47 -26.27
C PHE A 76 5.17 3.21 -25.98
N PHE A 77 5.43 2.21 -25.14
CA PHE A 77 6.77 1.89 -24.72
C PHE A 77 7.08 0.40 -24.83
N LEU A 78 8.35 0.08 -25.04
CA LEU A 78 8.80 -1.30 -25.07
C LEU A 78 9.84 -1.52 -23.98
N VAL A 79 9.61 -2.54 -23.15
CA VAL A 79 10.51 -2.83 -22.05
C VAL A 79 11.10 -4.23 -22.16
N LYS A 80 12.42 -4.29 -22.28
CA LYS A 80 13.11 -5.57 -22.29
C LYS A 80 13.51 -5.92 -20.88
N PHE A 81 13.19 -7.15 -20.46
CA PHE A 81 13.50 -7.62 -19.13
C PHE A 81 14.50 -8.76 -19.14
N TRP A 82 15.52 -8.65 -18.29
CA TRP A 82 16.33 -9.82 -17.93
C TRP A 82 15.82 -10.33 -16.59
N ALA A 83 14.95 -11.33 -16.61
CA ALA A 83 14.34 -11.86 -15.40
C ALA A 83 15.35 -12.63 -14.55
N ASP A 84 15.37 -12.37 -13.25
CA ASP A 84 16.18 -13.16 -12.33
C ASP A 84 15.44 -14.44 -11.94
N LEU A 85 15.91 -15.56 -12.43
CA LEU A 85 15.26 -16.85 -12.15
C LEU A 85 16.16 -17.75 -11.30
N ASN A 86 17.11 -17.12 -10.61
CA ASN A 86 17.94 -17.83 -9.64
C ASN A 86 17.16 -18.10 -8.36
N SER A 87 17.26 -19.32 -7.84
CA SER A 87 16.60 -19.65 -6.58
C SER A 87 17.44 -19.20 -5.38
N THR A 88 17.25 -17.95 -5.02
CA THR A 88 17.95 -17.32 -3.92
C THR A 88 17.14 -17.47 -2.63
N ILE A 89 16.00 -18.12 -2.74
CA ILE A 89 15.08 -18.39 -1.66
C ILE A 89 14.73 -19.88 -1.71
N GLN A 90 14.62 -20.50 -0.57
CA GLN A 90 14.32 -21.93 -0.44
C GLN A 90 12.99 -22.46 -0.95
N GLU A 91 12.01 -21.58 -1.10
CA GLU A 91 10.67 -21.96 -1.54
C GLU A 91 9.89 -22.94 -0.67
N GLY A 92 9.31 -23.96 -1.25
CA GLY A 92 8.47 -24.87 -0.48
C GLY A 92 7.07 -24.49 -0.88
N PRO A 93 6.08 -25.44 -0.73
CA PRO A 93 4.75 -25.05 -1.26
C PRO A 93 4.03 -23.91 -0.58
N GLY A 94 3.14 -23.26 -1.29
CA GLY A 94 2.39 -22.17 -0.70
C GLY A 94 3.14 -20.85 -0.66
N ALA A 95 4.18 -20.72 -1.44
CA ALA A 95 4.91 -19.49 -1.52
C ALA A 95 3.98 -18.57 -2.26
N PHE A 96 4.17 -17.29 -2.13
CA PHE A 96 3.31 -16.29 -2.75
C PHE A 96 3.97 -15.66 -3.98
N TYR A 97 3.29 -15.73 -5.12
CA TYR A 97 3.74 -15.08 -6.34
C TYR A 97 2.86 -13.87 -6.62
N GLY A 98 3.48 -12.70 -6.85
CA GLY A 98 2.71 -11.49 -7.03
C GLY A 98 3.37 -10.37 -7.82
N VAL A 99 2.55 -9.40 -8.22
CA VAL A 99 3.03 -8.22 -8.93
C VAL A 99 2.58 -6.95 -8.18
N SER A 100 3.51 -6.03 -7.99
CA SER A 100 3.19 -4.73 -7.39
C SER A 100 3.55 -3.60 -8.33
N SER A 101 2.67 -2.63 -8.46
CA SER A 101 2.91 -1.51 -9.37
C SER A 101 2.24 -0.24 -8.90
N GLN A 102 2.82 0.90 -9.29
CA GLN A 102 2.25 2.20 -8.96
C GLN A 102 2.22 3.11 -10.18
N TYR A 103 1.19 3.92 -10.29
CA TYR A 103 1.07 4.90 -11.35
C TYR A 103 0.76 6.26 -10.75
N SER A 104 0.95 7.32 -11.52
CA SER A 104 0.56 8.65 -11.08
C SER A 104 0.14 9.51 -12.26
N SER A 105 -0.77 10.44 -11.99
CA SER A 105 -1.25 11.36 -13.02
C SER A 105 -1.50 12.73 -12.41
N ALA A 106 -1.56 13.75 -13.26
CA ALA A 106 -1.84 15.10 -12.81
C ALA A 106 -3.34 15.27 -12.53
N ASP A 107 -4.15 14.43 -13.18
CA ASP A 107 -5.61 14.53 -13.07
C ASP A 107 -6.23 13.26 -12.50
N SER A 108 -7.33 13.42 -11.78
CA SER A 108 -8.03 12.29 -11.18
C SER A 108 -8.78 11.47 -12.22
N MET A 109 -8.50 10.17 -12.24
CA MET A 109 -9.14 9.27 -13.19
C MET A 109 -9.47 7.92 -12.56
N THR A 110 -10.43 7.20 -13.15
CA THR A 110 -10.61 5.79 -12.85
C THR A 110 -9.99 5.02 -14.01
N ILE A 111 -8.93 4.26 -13.72
CA ILE A 111 -8.19 3.60 -14.78
C ILE A 111 -8.45 2.09 -14.84
N SER A 112 -8.31 1.52 -16.03
CA SER A 112 -8.43 0.08 -16.22
C SER A 112 -7.10 -0.45 -16.73
N VAL A 113 -6.46 -1.32 -15.95
CA VAL A 113 -5.18 -1.89 -16.34
C VAL A 113 -5.37 -3.29 -16.91
N SER A 114 -5.09 -3.43 -18.21
CA SER A 114 -5.19 -4.73 -18.86
C SER A 114 -3.81 -5.33 -19.07
N THR A 115 -3.62 -6.55 -18.56
CA THR A 115 -2.35 -7.26 -18.72
C THR A 115 -2.56 -8.54 -19.52
N LYS A 116 -2.15 -8.51 -20.78
CA LYS A 116 -2.32 -9.66 -21.66
C LYS A 116 -1.04 -10.49 -21.78
N VAL A 117 -1.06 -11.68 -21.21
CA VAL A 117 0.04 -12.62 -21.38
C VAL A 117 -0.10 -13.29 -22.74
N CYS A 118 0.97 -13.27 -23.53
CA CYS A 118 0.91 -13.80 -24.90
C CYS A 118 1.94 -14.88 -25.17
N SER A 119 1.50 -15.97 -25.79
CA SER A 119 2.37 -17.03 -26.24
C SER A 119 2.26 -17.16 -27.77
N PHE A 120 3.40 -17.03 -28.45
CA PHE A 120 3.45 -17.06 -29.91
C PHE A 120 2.48 -16.05 -30.55
N GLY A 121 2.34 -14.89 -29.90
CA GLY A 121 1.52 -13.82 -30.43
C GLY A 121 0.04 -13.95 -30.10
N LYS A 122 -0.32 -15.06 -29.47
CA LYS A 122 -1.72 -15.31 -29.12
C LYS A 122 -1.98 -15.04 -27.65
N GLN A 123 -3.04 -14.27 -27.37
CA GLN A 123 -3.44 -13.97 -26.01
C GLN A 123 -3.87 -15.24 -25.30
N VAL A 124 -3.19 -15.57 -24.22
CA VAL A 124 -3.46 -16.80 -23.47
C VAL A 124 -4.12 -16.49 -22.13
N VAL A 125 -3.72 -15.37 -21.52
CA VAL A 125 -4.34 -14.90 -20.27
C VAL A 125 -4.52 -13.39 -20.32
N GLU A 126 -5.67 -12.89 -19.89
CA GLU A 126 -5.82 -11.46 -19.66
C GLU A 126 -6.25 -11.17 -18.23
N LYS A 127 -5.49 -10.29 -17.56
CA LYS A 127 -5.88 -9.81 -16.25
C LYS A 127 -6.35 -8.37 -16.35
N VAL A 128 -7.53 -8.09 -15.79
CA VAL A 128 -8.10 -6.76 -15.86
C VAL A 128 -8.38 -6.22 -14.47
N GLU A 129 -7.72 -5.12 -14.12
CA GLU A 129 -7.87 -4.51 -12.80
C GLU A 129 -8.30 -3.05 -12.91
N THR A 130 -9.32 -2.68 -12.14
CA THR A 130 -9.78 -1.31 -12.09
C THR A 130 -9.25 -0.62 -10.83
N GLU A 131 -8.64 0.55 -11.00
CA GLU A 131 -8.11 1.26 -9.85
C GLU A 131 -8.55 2.72 -9.82
N TYR A 132 -8.83 3.20 -8.61
CA TYR A 132 -9.40 4.52 -8.41
C TYR A 132 -8.36 5.49 -7.86
N ALA A 133 -8.35 6.69 -8.42
CA ALA A 133 -7.36 7.71 -8.08
C ALA A 133 -7.38 8.04 -6.59
N ARG A 134 -6.19 8.26 -6.05
CA ARG A 134 -6.04 8.77 -4.69
C ARG A 134 -5.23 10.06 -4.71
N LEU A 135 -5.83 11.13 -4.19
CA LEU A 135 -5.11 12.38 -4.05
C LEU A 135 -3.95 12.18 -3.07
N GLU A 136 -2.75 12.57 -3.49
CA GLU A 136 -1.56 12.40 -2.66
C GLU A 136 -0.44 13.32 -3.12
N ASN A 137 -0.04 14.24 -2.23
CA ASN A 137 1.03 15.20 -2.51
C ASN A 137 0.79 16.00 -3.79
N GLY A 138 -0.43 16.48 -3.98
CA GLY A 138 -0.75 17.34 -5.10
C GLY A 138 -1.13 16.59 -6.36
N ARG A 139 -0.70 15.34 -6.46
CA ARG A 139 -1.01 14.52 -7.62
C ARG A 139 -1.96 13.39 -7.27
N PHE A 140 -2.20 12.50 -8.22
CA PHE A 140 -3.08 11.36 -8.00
C PHE A 140 -2.32 10.06 -8.26
N VAL A 141 -2.34 9.15 -7.29
CA VAL A 141 -1.60 7.89 -7.41
C VAL A 141 -2.52 6.69 -7.56
N TYR A 142 -2.00 5.65 -8.21
CA TYR A 142 -2.75 4.42 -8.43
C TYR A 142 -1.89 3.23 -8.01
N ARG A 143 -2.27 2.58 -6.92
CA ARG A 143 -1.45 1.51 -6.37
C ARG A 143 -2.11 0.14 -6.47
N ILE A 144 -1.41 -0.78 -7.12
CA ILE A 144 -1.84 -2.17 -7.22
C ILE A 144 -0.84 -3.03 -6.45
N HIS A 145 -1.11 -3.23 -5.17
CA HIS A 145 -0.17 -3.90 -4.26
C HIS A 145 -0.42 -5.40 -4.15
N ARG A 146 0.65 -6.17 -4.30
CA ARG A 146 0.64 -7.62 -4.13
C ARG A 146 -0.48 -8.32 -4.89
N SER A 147 -0.60 -8.00 -6.18
CA SER A 147 -1.56 -8.67 -7.04
C SER A 147 -1.06 -10.07 -7.41
N PRO A 148 -1.79 -11.10 -6.97
CA PRO A 148 -1.40 -12.50 -7.13
C PRO A 148 -1.30 -12.93 -8.60
N MET A 149 -0.21 -13.63 -8.93
CA MET A 149 -0.04 -14.21 -10.26
C MET A 149 -1.04 -15.33 -10.50
N GLU A 151 -2.11 -18.94 -12.03
CA GLU A 151 -1.39 -20.21 -11.99
C GLU A 151 -0.62 -20.46 -13.29
N TYR A 152 -1.06 -19.83 -14.37
CA TYR A 152 -0.36 -19.94 -15.66
C TYR A 152 1.07 -19.44 -15.55
N MET A 153 1.23 -18.23 -15.04
CA MET A 153 2.54 -17.62 -14.90
C MET A 153 3.41 -18.38 -13.91
N ILE A 154 2.80 -18.81 -12.81
CA ILE A 154 3.51 -19.57 -11.78
C ILE A 154 4.05 -20.88 -12.35
N ASN A 155 3.24 -21.57 -13.13
CA ASN A 155 3.67 -22.80 -13.78
C ASN A 155 4.73 -22.55 -14.85
N PHE A 156 4.60 -21.42 -15.54
CA PHE A 156 5.55 -21.03 -16.58
C PHE A 156 6.94 -20.80 -15.99
N ILE A 157 6.98 -20.05 -14.89
CA ILE A 157 8.23 -19.80 -14.17
C ILE A 157 8.87 -21.10 -13.72
N HIS A 158 8.05 -22.01 -13.22
CA HIS A 158 8.52 -23.31 -12.79
C HIS A 158 9.07 -24.14 -13.94
N LYS A 159 8.38 -24.11 -15.08
CA LYS A 159 8.84 -24.80 -16.28
C LYS A 159 10.21 -24.28 -16.71
N LEU A 160 10.39 -22.97 -16.61
CA LEU A 160 11.63 -22.32 -17.00
C LEU A 160 12.78 -22.71 -16.07
N LYS A 161 12.51 -22.72 -14.76
CA LYS A 161 13.55 -23.02 -13.76
C LYS A 161 14.04 -24.46 -13.84
N HIS A 162 13.17 -25.37 -14.28
CA HIS A 162 13.53 -26.79 -14.35
C HIS A 162 14.41 -27.09 -15.55
N LEU A 163 14.55 -26.12 -16.45
CA LEU A 163 15.45 -26.24 -17.58
C LEU A 163 16.90 -26.16 -17.12
N PRO A 164 17.75 -27.07 -17.62
CA PRO A 164 19.15 -27.17 -17.18
C PRO A 164 20.02 -26.01 -17.65
N GLU A 165 19.65 -25.38 -18.76
CA GLU A 165 20.47 -24.34 -19.36
C GLU A 165 19.69 -23.03 -19.53
N LYS A 166 20.36 -21.91 -19.29
CA LYS A 166 19.71 -20.61 -19.38
C LYS A 166 19.47 -20.20 -20.84
N TYR A 167 20.22 -20.79 -21.76
CA TYR A 167 19.98 -20.54 -23.18
C TYR A 167 18.71 -21.27 -23.61
N MET A 168 18.40 -22.36 -22.92
CA MET A 168 17.16 -23.09 -23.17
C MET A 168 15.97 -22.29 -22.67
N MET A 169 16.20 -21.53 -21.60
CA MET A 169 15.18 -20.67 -21.01
C MET A 169 14.90 -19.48 -21.93
N ASN A 170 15.98 -18.87 -22.45
CA ASN A 170 15.85 -17.77 -23.40
C ASN A 170 15.17 -18.21 -24.70
N SER A 171 15.33 -19.48 -25.05
CA SER A 171 14.69 -20.04 -26.25
C SER A 171 13.17 -20.04 -26.10
N VAL A 172 12.71 -20.46 -24.93
CA VAL A 172 11.29 -20.47 -24.60
C VAL A 172 10.74 -19.05 -24.51
N LEU A 173 11.53 -18.16 -23.93
CA LEU A 173 11.12 -16.78 -23.70
C LEU A 173 11.02 -15.95 -24.99
N GLU A 174 11.54 -16.50 -26.09
CA GLU A 174 11.50 -15.81 -27.38
C GLU A 174 10.06 -15.59 -27.86
N ASN A 175 9.20 -16.54 -27.53
CA ASN A 175 7.81 -16.47 -27.94
C ASN A 175 6.88 -16.11 -26.78
N PHE A 176 7.45 -15.60 -25.70
CA PHE A 176 6.67 -15.13 -24.56
C PHE A 176 6.71 -13.61 -24.46
N THR A 177 5.53 -12.99 -24.53
CA THR A 177 5.42 -11.54 -24.42
C THR A 177 4.26 -11.15 -23.53
N ILE A 178 4.32 -9.94 -22.99
CA ILE A 178 3.24 -9.38 -22.18
C ILE A 178 2.91 -7.97 -22.64
N LEU A 179 1.63 -7.71 -22.86
CA LEU A 179 1.19 -6.37 -23.27
C LEU A 179 0.32 -5.73 -22.20
N GLN A 180 0.82 -4.67 -21.58
CA GLN A 180 0.02 -3.94 -20.59
C GLN A 180 -0.61 -2.71 -21.23
N VAL A 181 -1.93 -2.61 -21.11
CA VAL A 181 -2.66 -1.49 -21.67
C VAL A 181 -3.48 -0.78 -20.60
N VAL A 182 -3.11 0.46 -20.30
CA VAL A 182 -3.84 1.23 -19.31
C VAL A 182 -4.77 2.22 -20.00
N THR A 183 -6.05 2.16 -19.64
CA THR A 183 -7.04 3.06 -20.22
C THR A 183 -7.80 3.81 -19.14
N SER A 184 -8.32 4.98 -19.50
CA SER A 184 -9.28 5.66 -18.65
C SER A 184 -10.62 4.96 -18.81
N ARG A 185 -11.12 4.38 -17.72
CA ARG A 185 -12.36 3.61 -17.77
C ARG A 185 -13.52 4.47 -18.25
N ASP A 186 -13.43 5.77 -17.94
CA ASP A 186 -14.45 6.72 -18.36
C ASP A 186 -14.47 6.88 -19.88
N SER A 187 -13.40 7.47 -20.42
CA SER A 187 -13.37 7.88 -21.82
C SER A 187 -12.84 6.81 -22.78
N GLN A 188 -12.46 5.65 -22.25
CA GLN A 188 -11.90 4.55 -23.04
C GLN A 188 -10.57 4.96 -23.69
N GLU A 189 -10.01 6.07 -23.22
CA GLU A 189 -8.79 6.62 -23.80
C GLU A 189 -7.54 5.87 -23.36
N THR A 190 -6.66 5.61 -24.31
CA THR A 190 -5.39 4.95 -24.03
C THR A 190 -4.44 5.89 -23.28
N LEU A 191 -4.08 5.51 -22.06
CA LEU A 191 -3.23 6.35 -21.22
C LEU A 191 -1.77 5.93 -21.28
N LEU A 192 -1.53 4.62 -21.40
CA LEU A 192 -0.18 4.08 -21.36
C LEU A 192 -0.19 2.66 -21.89
N VAL A 193 0.75 2.36 -22.80
CA VAL A 193 0.88 1.00 -23.31
C VAL A 193 2.33 0.54 -23.26
N ILE A 194 2.56 -0.60 -22.61
CA ILE A 194 3.90 -1.14 -22.47
C ILE A 194 4.00 -2.58 -22.95
N ALA A 195 4.84 -2.79 -23.96
CA ALA A 195 5.14 -4.13 -24.45
C ALA A 195 6.35 -4.69 -23.71
N PHE A 196 6.21 -5.91 -23.21
CA PHE A 196 7.30 -6.56 -22.48
C PHE A 196 7.88 -7.72 -23.27
N VAL A 197 9.20 -7.72 -23.43
CA VAL A 197 9.91 -8.89 -23.96
C VAL A 197 10.92 -9.35 -22.92
N PHE A 198 11.35 -10.60 -22.99
CA PHE A 198 12.06 -11.19 -21.86
C PHE A 198 13.30 -12.01 -22.22
N GLU A 199 14.29 -11.93 -21.33
CA GLU A 199 15.42 -12.85 -21.32
C GLU A 199 15.69 -13.24 -19.87
N VAL A 200 16.56 -14.22 -19.67
CA VAL A 200 16.99 -14.59 -18.33
C VAL A 200 18.27 -13.84 -18.00
N SER A 201 18.37 -13.35 -16.78
CA SER A 201 19.59 -12.65 -16.35
C SER A 201 20.75 -13.63 -16.26
N THR A 202 21.95 -13.14 -16.51
CA THR A 202 23.15 -13.96 -16.42
C THR A 202 24.15 -13.34 -15.46
N SER A 203 23.94 -12.07 -15.15
CA SER A 203 24.90 -11.29 -14.38
C SER A 203 24.73 -11.46 -12.88
N GLU A 204 25.77 -11.08 -12.14
CA GLU A 204 25.77 -11.14 -10.69
C GLU A 204 24.89 -10.05 -10.10
N HIS A 205 24.60 -9.04 -10.91
CA HIS A 205 23.79 -7.91 -10.48
C HIS A 205 22.31 -8.29 -10.37
N GLY A 206 21.91 -9.31 -11.11
CA GLY A 206 20.55 -9.81 -11.05
C GLY A 206 19.68 -9.31 -12.19
N ALA A 207 18.42 -9.04 -11.88
CA ALA A 207 17.46 -8.61 -12.88
C ALA A 207 17.83 -7.26 -13.48
N GLN A 208 17.64 -7.13 -14.79
CA GLN A 208 17.94 -5.89 -15.51
C GLN A 208 16.79 -5.52 -16.44
N HIS A 209 16.74 -4.26 -16.87
CA HIS A 209 15.74 -3.85 -17.83
C HIS A 209 16.26 -2.75 -18.76
N HIS A 210 15.63 -2.63 -19.92
CA HIS A 210 15.97 -1.59 -20.89
C HIS A 210 14.70 -1.10 -21.56
N VAL A 211 14.47 0.20 -21.51
CA VAL A 211 13.24 0.79 -22.04
C VAL A 211 13.47 1.41 -23.40
N TYR A 212 12.55 1.15 -24.32
CA TYR A 212 12.57 1.79 -25.63
C TYR A 212 11.30 2.58 -25.85
N LYS A 213 11.38 3.61 -26.67
CA LYS A 213 10.20 4.33 -27.12
C LYS A 213 9.73 3.74 -28.43
N LEU A 214 8.42 3.49 -28.53
CA LEU A 214 7.85 2.92 -29.75
C LEU A 214 7.43 4.02 -30.72
N VAL A 215 7.97 3.97 -31.92
CA VAL A 215 7.63 4.94 -32.96
C VAL A 215 7.23 4.22 -34.24
N LYS A 216 6.72 4.97 -35.21
CA LYS A 216 6.25 4.39 -36.46
C LYS A 216 6.99 4.99 -37.66
N THR B 1 -30.32 -21.58 -5.46
CA THR B 1 -29.45 -20.46 -5.82
C THR B 1 -27.98 -20.83 -5.66
N ILE B 2 -27.14 -20.34 -6.57
CA ILE B 2 -25.72 -20.63 -6.54
C ILE B 2 -25.01 -19.73 -5.54
N ALA B 3 -24.67 -20.30 -4.37
CA ALA B 3 -24.07 -19.52 -3.30
C ALA B 3 -23.29 -20.39 -2.32
N SER B 4 -22.10 -19.94 -1.96
CA SER B 4 -21.35 -20.57 -0.87
C SER B 4 -21.78 -19.91 0.43
N SER B 5 -20.95 -20.06 1.47
CA SER B 5 -21.23 -19.41 2.74
C SER B 5 -20.58 -18.03 2.80
N ARG B 6 -19.85 -17.69 1.74
CA ARG B 6 -19.12 -16.43 1.71
C ARG B 6 -19.43 -15.58 0.49
N LEU B 7 -19.87 -16.21 -0.61
CA LEU B 7 -20.22 -15.46 -1.81
C LEU B 7 -21.44 -16.04 -2.50
N ARG B 8 -22.24 -15.15 -3.10
CA ARG B 8 -23.48 -15.55 -3.77
C ARG B 8 -23.52 -15.03 -5.20
N LEU B 9 -23.95 -15.89 -6.14
CA LEU B 9 -24.15 -15.45 -7.52
C LEU B 9 -25.57 -14.89 -7.68
N LEU B 10 -25.65 -13.65 -8.13
CA LEU B 10 -26.94 -12.97 -8.27
C LEU B 10 -27.45 -13.01 -9.70
N GLU B 11 -26.53 -12.92 -10.65
CA GLU B 11 -26.90 -12.87 -12.06
C GLU B 11 -25.72 -13.26 -12.94
N TYR B 12 -25.98 -14.01 -14.00
CA TYR B 12 -24.98 -14.30 -15.02
C TYR B 12 -25.64 -14.38 -16.39
N SER B 13 -24.99 -13.79 -17.39
CA SER B 13 -25.51 -13.81 -18.75
C SER B 13 -24.42 -13.54 -19.77
N ALA B 14 -24.44 -14.32 -20.86
CA ALA B 14 -23.56 -14.08 -21.99
C ALA B 14 -24.44 -13.69 -23.18
N PHE B 15 -24.01 -12.68 -23.92
CA PHE B 15 -24.89 -12.08 -24.93
C PHE B 15 -24.16 -11.49 -26.12
N MET B 16 -24.94 -11.21 -27.17
CA MET B 16 -24.48 -10.41 -28.29
C MET B 16 -25.35 -9.17 -28.40
N GLU B 17 -24.73 -7.99 -28.47
CA GLU B 17 -25.46 -6.74 -28.58
C GLU B 17 -25.23 -6.09 -29.94
N VAL B 18 -26.25 -5.42 -30.45
CA VAL B 18 -26.10 -4.65 -31.68
C VAL B 18 -26.78 -3.29 -31.57
N GLN B 19 -25.97 -2.24 -31.63
CA GLN B 19 -26.48 -0.89 -31.77
C GLN B 19 -26.37 -0.48 -33.23
N ARG B 20 -27.46 -0.68 -33.98
CA ARG B 20 -27.49 -0.36 -35.40
C ARG B 20 -27.25 1.13 -35.61
N ASP B 21 -27.95 1.93 -34.82
CA ASP B 21 -27.84 3.38 -34.88
C ASP B 21 -28.11 3.92 -33.46
N PRO B 22 -27.98 5.25 -33.24
CA PRO B 22 -28.22 5.75 -31.89
C PRO B 22 -29.64 5.51 -31.33
N ASP B 23 -30.57 5.09 -32.18
CA ASP B 23 -31.95 4.89 -31.75
C ASP B 23 -32.39 3.43 -31.75
N THR B 24 -31.55 2.54 -32.27
CA THR B 24 -31.94 1.14 -32.42
C THR B 24 -30.96 0.18 -31.75
N TYR B 25 -31.46 -0.58 -30.77
CA TYR B 25 -30.65 -1.50 -29.99
C TYR B 25 -31.24 -2.90 -30.04
N SER B 26 -30.37 -3.91 -30.09
CA SER B 26 -30.81 -5.30 -30.13
C SER B 26 -29.91 -6.17 -29.26
N LYS B 27 -30.50 -7.15 -28.58
CA LYS B 27 -29.76 -8.02 -27.67
C LYS B 27 -30.17 -9.48 -27.81
N HIS B 28 -29.18 -10.37 -27.91
CA HIS B 28 -29.44 -11.80 -27.94
C HIS B 28 -28.71 -12.50 -26.80
N LEU B 29 -29.48 -13.16 -25.94
CA LEU B 29 -28.91 -13.90 -24.83
C LEU B 29 -28.54 -15.32 -25.25
N PHE B 30 -27.27 -15.67 -25.06
CA PHE B 30 -26.83 -17.05 -25.30
C PHE B 30 -27.25 -17.92 -24.12
N VAL B 31 -26.79 -17.55 -22.93
CA VAL B 31 -27.18 -18.22 -21.69
C VAL B 31 -27.53 -17.17 -20.66
N HIS B 32 -28.30 -17.57 -19.64
CA HIS B 32 -28.74 -16.62 -18.62
C HIS B 32 -29.09 -17.28 -17.29
N ILE B 33 -28.64 -16.64 -16.21
CA ILE B 33 -29.02 -17.01 -14.85
C ILE B 33 -29.47 -15.75 -14.13
N GLY B 34 -30.77 -15.67 -13.83
CA GLY B 34 -31.34 -14.49 -13.21
C GLY B 34 -31.51 -14.62 -11.70
N PRO B 44 -34.95 -27.86 -4.32
CA PRO B 44 -33.76 -28.57 -3.82
C PRO B 44 -32.80 -28.95 -4.94
N LEU B 45 -31.53 -28.65 -4.75
CA LEU B 45 -30.54 -28.94 -5.75
C LEU B 45 -30.20 -30.41 -5.89
N GLU B 46 -30.06 -30.87 -7.12
CA GLU B 46 -29.66 -32.22 -7.40
C GLU B 46 -28.18 -32.23 -7.20
N ALA B 47 -27.59 -33.38 -7.02
CA ALA B 47 -26.18 -33.48 -6.81
C ALA B 47 -25.49 -34.30 -7.85
N VAL B 48 -24.34 -33.82 -8.30
CA VAL B 48 -23.50 -34.52 -9.25
C VAL B 48 -22.12 -34.73 -8.64
N ASP B 49 -21.63 -35.97 -8.65
CA ASP B 49 -20.31 -36.25 -8.07
C ASP B 49 -19.21 -35.60 -8.91
N VAL B 50 -18.29 -34.92 -8.24
CA VAL B 50 -17.25 -34.14 -8.93
C VAL B 50 -16.32 -35.05 -9.73
N ARG B 51 -16.19 -36.30 -9.32
CA ARG B 51 -15.33 -37.26 -10.02
C ARG B 51 -15.86 -37.58 -11.42
N GLN B 52 -17.16 -37.42 -11.60
CA GLN B 52 -17.81 -37.72 -12.88
C GLN B 52 -17.54 -36.67 -13.95
N ILE B 53 -16.98 -35.53 -13.56
CA ILE B 53 -16.69 -34.47 -14.52
C ILE B 53 -15.23 -34.01 -14.48
N TYR B 54 -14.37 -34.81 -13.85
CA TYR B 54 -12.94 -34.52 -13.80
C TYR B 54 -12.33 -34.44 -15.20
N ASP B 55 -12.78 -35.32 -16.09
CA ASP B 55 -12.22 -35.43 -17.42
C ASP B 55 -12.54 -34.21 -18.30
N LYS B 56 -13.52 -33.42 -17.88
CA LYS B 56 -13.95 -32.26 -18.66
C LYS B 56 -13.18 -30.99 -18.30
N PHE B 57 -12.26 -31.09 -17.35
CA PHE B 57 -11.63 -29.90 -16.78
C PHE B 57 -10.13 -30.12 -16.50
N PRO B 58 -9.37 -29.02 -16.33
CA PRO B 58 -7.93 -29.12 -16.06
C PRO B 58 -7.60 -29.97 -14.83
N GLU B 59 -6.52 -30.74 -14.91
CA GLU B 59 -6.09 -31.58 -13.80
C GLU B 59 -4.61 -31.34 -13.49
N LYS B 60 -4.18 -31.85 -12.33
CA LYS B 60 -2.77 -31.84 -11.93
C LYS B 60 -2.14 -30.44 -11.85
N LYS B 61 -2.96 -29.41 -11.98
CA LYS B 61 -2.53 -28.04 -11.76
C LYS B 61 -3.05 -26.99 -10.80
N GLY B 62 -4.16 -26.38 -11.19
CA GLY B 62 -4.92 -25.46 -10.39
C GLY B 62 -6.15 -26.12 -10.93
N GLY B 63 -6.28 -27.43 -10.70
CA GLY B 63 -7.38 -28.14 -11.31
C GLY B 63 -8.56 -28.35 -10.38
N LEU B 64 -9.67 -28.78 -10.97
CA LEU B 64 -10.92 -29.00 -10.24
C LEU B 64 -10.72 -29.95 -9.06
N LYS B 65 -9.94 -31.01 -9.27
CA LYS B 65 -9.70 -31.99 -8.21
C LYS B 65 -8.93 -31.36 -7.05
N GLU B 66 -7.83 -30.69 -7.35
CA GLU B 66 -7.04 -30.02 -6.32
C GLU B 66 -7.86 -28.92 -5.65
N LEU B 67 -8.61 -28.17 -6.46
CA LEU B 67 -9.46 -27.10 -5.95
C LEU B 67 -10.52 -27.63 -4.99
N TYR B 68 -11.19 -28.72 -5.37
CA TYR B 68 -12.24 -29.29 -4.53
C TYR B 68 -11.66 -29.85 -3.24
N GLU B 69 -10.49 -30.47 -3.33
CA GLU B 69 -9.81 -31.02 -2.15
C GLU B 69 -9.38 -29.90 -1.21
N LYS B 70 -8.98 -28.77 -1.80
CA LYS B 70 -8.61 -27.59 -1.03
C LYS B 70 -9.81 -27.05 -0.25
N GLY B 71 -10.99 -27.17 -0.85
CA GLY B 71 -12.22 -26.75 -0.20
C GLY B 71 -12.44 -25.25 -0.25
N PRO B 72 -13.58 -24.78 0.30
CA PRO B 72 -14.61 -25.61 0.92
C PRO B 72 -15.54 -26.24 -0.11
N PRO B 73 -16.06 -27.44 0.18
CA PRO B 73 -16.93 -28.18 -0.74
C PRO B 73 -18.24 -27.46 -1.06
N ASN B 74 -18.68 -26.61 -0.14
CA ASN B 74 -19.97 -25.92 -0.30
C ASN B 74 -19.93 -24.81 -1.34
N ALA B 75 -18.76 -24.61 -1.94
CA ALA B 75 -18.56 -23.54 -2.91
C ALA B 75 -18.59 -24.06 -4.35
N PHE B 76 -18.79 -25.36 -4.51
CA PHE B 76 -18.67 -25.98 -5.83
C PHE B 76 -20.01 -26.33 -6.47
N PHE B 77 -20.23 -25.77 -7.65
CA PHE B 77 -21.49 -25.95 -8.36
C PHE B 77 -21.26 -26.35 -9.82
N LEU B 78 -22.24 -27.05 -10.38
CA LEU B 78 -22.25 -27.40 -11.79
C LEU B 78 -23.48 -26.81 -12.45
N VAL B 79 -23.29 -26.09 -13.56
CA VAL B 79 -24.40 -25.56 -14.32
C VAL B 79 -24.35 -26.09 -15.74
N LYS B 80 -25.38 -26.84 -16.12
CA LYS B 80 -25.50 -27.28 -17.50
C LYS B 80 -26.32 -26.29 -18.30
N PHE B 81 -25.74 -25.79 -19.39
CA PHE B 81 -26.40 -24.79 -20.21
C PHE B 81 -26.91 -25.38 -21.52
N TRP B 82 -28.14 -25.03 -21.87
CA TRP B 82 -28.63 -25.20 -23.24
C TRP B 82 -28.57 -23.85 -23.91
N ALA B 83 -27.49 -23.60 -24.64
CA ALA B 83 -27.24 -22.27 -25.21
C ALA B 83 -28.10 -21.99 -26.43
N ASP B 84 -28.62 -20.75 -26.49
CA ASP B 84 -29.38 -20.30 -27.65
C ASP B 84 -28.42 -19.76 -28.71
N LEU B 85 -28.28 -20.50 -29.81
CA LEU B 85 -27.37 -20.11 -30.87
C LEU B 85 -28.13 -19.78 -32.16
N ASN B 86 -29.41 -19.48 -32.03
CA ASN B 86 -30.21 -19.09 -33.18
C ASN B 86 -29.92 -17.67 -33.63
N SER B 87 -29.82 -17.47 -34.94
CA SER B 87 -29.62 -16.12 -35.48
C SER B 87 -30.93 -15.33 -35.44
N THR B 88 -31.27 -14.82 -34.25
CA THR B 88 -32.48 -14.02 -34.09
C THR B 88 -32.24 -12.60 -34.56
N ILE B 89 -31.52 -11.81 -33.77
CA ILE B 89 -31.12 -10.48 -34.20
C ILE B 89 -30.10 -10.62 -35.32
N GLN B 90 -29.99 -9.58 -36.14
CA GLN B 90 -29.01 -9.56 -37.22
C GLN B 90 -27.69 -8.97 -36.75
N GLU B 91 -26.66 -9.80 -36.64
CA GLU B 91 -25.33 -9.30 -36.31
C GLU B 91 -24.85 -8.35 -37.40
N GLY B 92 -24.68 -7.09 -37.04
CA GLY B 92 -24.17 -6.09 -37.96
C GLY B 92 -22.91 -5.47 -37.44
N PRO B 93 -22.42 -4.41 -38.10
CA PRO B 93 -21.25 -3.66 -37.65
C PRO B 93 -21.46 -3.09 -36.26
N GLY B 94 -20.46 -3.25 -35.39
CA GLY B 94 -20.60 -2.81 -34.01
C GLY B 94 -21.30 -3.85 -33.14
N ALA B 95 -21.27 -5.10 -33.56
CA ALA B 95 -21.81 -6.19 -32.76
C ALA B 95 -20.90 -6.47 -31.58
N PHE B 96 -21.43 -6.33 -30.37
CA PHE B 96 -20.64 -6.54 -29.17
C PHE B 96 -20.97 -7.86 -28.49
N TYR B 97 -19.96 -8.72 -28.35
CA TYR B 97 -20.11 -9.97 -27.61
C TYR B 97 -19.63 -9.76 -26.18
N GLY B 98 -20.52 -9.98 -25.22
CA GLY B 98 -20.19 -9.69 -23.83
C GLY B 98 -20.75 -10.62 -22.77
N VAL B 99 -20.23 -10.46 -21.55
CA VAL B 99 -20.70 -11.20 -20.38
C VAL B 99 -20.96 -10.24 -19.23
N SER B 100 -22.10 -10.41 -18.57
CA SER B 100 -22.43 -9.60 -17.39
C SER B 100 -22.78 -10.50 -16.21
N SER B 101 -22.28 -10.14 -15.04
CA SER B 101 -22.54 -10.94 -13.84
C SER B 101 -22.57 -10.12 -12.55
N GLN B 102 -23.25 -10.63 -11.54
CA GLN B 102 -23.31 -9.96 -10.24
C GLN B 102 -23.10 -10.94 -9.10
N TYR B 103 -22.32 -10.52 -8.11
CA TYR B 103 -22.10 -11.33 -6.91
C TYR B 103 -22.41 -10.48 -5.68
N SER B 104 -22.48 -11.11 -4.51
CA SER B 104 -22.70 -10.39 -3.26
C SER B 104 -22.14 -11.19 -2.09
N SER B 105 -21.77 -10.48 -1.03
CA SER B 105 -21.22 -11.11 0.16
C SER B 105 -21.56 -10.28 1.39
N ALA B 106 -21.12 -10.74 2.56
CA ALA B 106 -21.36 -10.01 3.79
C ALA B 106 -20.08 -9.32 4.26
N ASP B 107 -19.00 -9.54 3.51
CA ASP B 107 -17.68 -9.05 3.90
C ASP B 107 -17.17 -7.94 2.97
N SER B 108 -16.52 -6.93 3.54
CA SER B 108 -15.92 -5.88 2.75
C SER B 108 -14.56 -6.32 2.22
N MET B 109 -14.56 -7.01 1.08
CA MET B 109 -13.34 -7.57 0.52
C MET B 109 -13.29 -7.48 -0.99
N THR B 110 -12.09 -7.38 -1.54
CA THR B 110 -11.88 -7.44 -2.98
C THR B 110 -11.88 -8.89 -3.46
N ILE B 111 -12.68 -9.17 -4.49
CA ILE B 111 -12.71 -10.53 -5.05
C ILE B 111 -11.99 -10.60 -6.39
N SER B 112 -11.55 -11.79 -6.76
CA SER B 112 -10.92 -12.01 -8.04
C SER B 112 -11.67 -13.09 -8.81
N VAL B 113 -12.15 -12.74 -10.00
CA VAL B 113 -12.95 -13.67 -10.79
C VAL B 113 -12.15 -14.23 -11.95
N SER B 114 -11.88 -15.53 -11.90
CA SER B 114 -11.12 -16.21 -12.94
C SER B 114 -12.02 -17.08 -13.82
N THR B 115 -11.98 -16.83 -15.12
CA THR B 115 -12.79 -17.59 -16.07
C THR B 115 -11.93 -18.38 -17.05
N LYS B 116 -11.88 -19.69 -16.86
CA LYS B 116 -11.07 -20.56 -17.69
C LYS B 116 -11.89 -21.23 -18.80
N VAL B 117 -11.58 -20.91 -20.04
CA VAL B 117 -12.18 -21.58 -21.18
C VAL B 117 -11.37 -22.83 -21.49
N CYS B 118 -12.05 -23.98 -21.58
CA CYS B 118 -11.35 -25.24 -21.74
C CYS B 118 -11.80 -26.02 -22.96
N SER B 119 -10.83 -26.63 -23.65
CA SER B 119 -11.10 -27.52 -24.76
C SER B 119 -10.45 -28.88 -24.53
N PHE B 120 -11.27 -29.93 -24.51
CA PHE B 120 -10.79 -31.29 -24.24
C PHE B 120 -10.05 -31.37 -22.89
N GLY B 121 -10.55 -30.65 -21.91
CA GLY B 121 -10.00 -30.69 -20.56
C GLY B 121 -8.86 -29.71 -20.33
N LYS B 122 -8.30 -29.18 -21.42
CA LYS B 122 -7.15 -28.29 -21.32
C LYS B 122 -7.55 -26.82 -21.44
N GLN B 123 -6.93 -25.97 -20.62
CA GLN B 123 -7.21 -24.53 -20.62
C GLN B 123 -6.60 -23.83 -21.84
N VAL B 124 -7.44 -23.19 -22.64
CA VAL B 124 -6.95 -22.54 -23.84
C VAL B 124 -6.76 -21.02 -23.65
N VAL B 125 -7.75 -20.36 -23.04
CA VAL B 125 -7.62 -18.95 -22.69
C VAL B 125 -8.21 -18.69 -21.30
N GLU B 126 -7.78 -17.61 -20.67
CA GLU B 126 -8.28 -17.28 -19.33
C GLU B 126 -8.38 -15.77 -19.13
N LYS B 127 -9.46 -15.32 -18.51
CA LYS B 127 -9.57 -13.93 -18.10
C LYS B 127 -9.70 -13.81 -16.59
N VAL B 128 -8.90 -12.93 -16.01
CA VAL B 128 -8.97 -12.67 -14.57
C VAL B 128 -9.40 -11.23 -14.33
N GLU B 129 -10.54 -11.07 -13.65
CA GLU B 129 -11.10 -9.75 -13.40
C GLU B 129 -11.21 -9.47 -11.90
N THR B 130 -10.53 -8.43 -11.45
CA THR B 130 -10.61 -8.00 -10.07
C THR B 130 -11.81 -7.06 -9.87
N GLU B 131 -12.54 -7.22 -8.78
CA GLU B 131 -13.71 -6.40 -8.52
C GLU B 131 -13.80 -5.87 -7.09
N TYR B 132 -13.96 -4.55 -6.96
CA TYR B 132 -14.23 -3.93 -5.67
C TYR B 132 -15.74 -4.01 -5.40
N ALA B 133 -16.10 -3.90 -4.12
CA ALA B 133 -17.49 -4.02 -3.71
C ALA B 133 -18.16 -2.67 -3.49
N ARG B 134 -19.47 -2.64 -3.73
CA ARG B 134 -20.29 -1.50 -3.35
C ARG B 134 -21.18 -1.92 -2.18
N LEU B 135 -21.36 -1.03 -1.21
CA LEU B 135 -22.26 -1.32 -0.09
C LEU B 135 -23.69 -0.94 -0.46
N GLU B 136 -24.53 -1.95 -0.65
CA GLU B 136 -25.93 -1.73 -0.99
C GLU B 136 -26.84 -2.58 -0.12
N ASN B 137 -27.73 -1.93 0.62
CA ASN B 137 -28.71 -2.62 1.46
C ASN B 137 -28.08 -3.63 2.41
N GLY B 138 -26.95 -3.27 2.99
CA GLY B 138 -26.27 -4.13 3.95
C GLY B 138 -25.46 -5.24 3.32
N ARG B 139 -25.53 -5.34 2.00
CA ARG B 139 -24.78 -6.34 1.26
C ARG B 139 -23.66 -5.69 0.45
N PHE B 140 -22.56 -6.40 0.28
CA PHE B 140 -21.46 -5.93 -0.58
C PHE B 140 -21.58 -6.59 -1.94
N VAL B 141 -21.98 -5.81 -2.95
CA VAL B 141 -22.26 -6.38 -4.26
C VAL B 141 -21.14 -6.08 -5.27
N TYR B 142 -20.93 -7.02 -6.18
CA TYR B 142 -19.89 -6.91 -7.19
C TYR B 142 -20.52 -6.96 -8.58
N ARG B 143 -20.06 -6.10 -9.49
CA ARG B 143 -20.63 -6.08 -10.83
C ARG B 143 -19.58 -6.10 -11.91
N ILE B 144 -19.64 -7.13 -12.75
CA ILE B 144 -18.89 -7.15 -13.99
C ILE B 144 -19.84 -6.81 -15.13
N HIS B 145 -19.87 -5.55 -15.53
CA HIS B 145 -20.81 -5.10 -16.55
C HIS B 145 -20.19 -5.06 -17.95
N ARG B 146 -20.84 -5.77 -18.88
CA ARG B 146 -20.44 -5.83 -20.28
C ARG B 146 -18.96 -6.20 -20.47
N SER B 147 -18.55 -7.31 -19.89
CA SER B 147 -17.19 -7.81 -20.09
C SER B 147 -17.04 -8.41 -21.49
N PRO B 148 -16.09 -7.88 -22.26
CA PRO B 148 -15.92 -8.29 -23.66
C PRO B 148 -15.42 -9.73 -23.81
N MET B 149 -16.06 -10.49 -24.69
CA MET B 149 -15.58 -11.81 -25.03
C MET B 149 -14.30 -11.73 -25.84
N GLU B 151 -11.39 -12.95 -28.52
CA GLU B 151 -11.51 -13.35 -29.92
C GLU B 151 -11.73 -14.85 -30.07
N TYR B 152 -11.17 -15.62 -29.15
CA TYR B 152 -11.33 -17.07 -29.18
C TYR B 152 -12.79 -17.48 -29.07
N MET B 153 -13.50 -16.86 -28.14
CA MET B 153 -14.90 -17.20 -27.92
C MET B 153 -15.80 -16.76 -29.07
N ILE B 154 -15.53 -15.58 -29.61
CA ILE B 154 -16.31 -15.04 -30.72
C ILE B 154 -16.17 -15.94 -31.97
N ASN B 155 -14.95 -16.38 -32.24
CA ASN B 155 -14.68 -17.26 -33.36
C ASN B 155 -15.31 -18.64 -33.15
N PHE B 156 -15.30 -19.11 -31.90
CA PHE B 156 -15.87 -20.39 -31.55
C PHE B 156 -17.37 -20.40 -31.77
N ILE B 157 -18.01 -19.29 -31.42
CA ILE B 157 -19.45 -19.13 -31.61
C ILE B 157 -19.78 -19.07 -33.10
N HIS B 158 -18.99 -18.29 -33.83
CA HIS B 158 -19.17 -18.18 -35.28
C HIS B 158 -19.01 -19.53 -35.96
N LYS B 159 -18.04 -20.31 -35.51
CA LYS B 159 -17.80 -21.66 -36.04
C LYS B 159 -19.01 -22.56 -35.85
N LEU B 160 -19.59 -22.50 -34.64
CA LEU B 160 -20.76 -23.31 -34.29
C LEU B 160 -21.95 -23.00 -35.19
N LYS B 161 -22.14 -21.71 -35.49
CA LYS B 161 -23.28 -21.26 -36.26
C LYS B 161 -23.17 -21.61 -37.75
N HIS B 162 -21.96 -21.93 -38.20
CA HIS B 162 -21.73 -22.27 -39.59
C HIS B 162 -21.93 -23.77 -39.84
N LEU B 163 -22.16 -24.51 -38.76
CA LEU B 163 -22.46 -25.94 -38.86
C LEU B 163 -23.92 -26.14 -39.25
N PRO B 164 -24.17 -26.97 -40.25
CA PRO B 164 -25.50 -27.17 -40.86
C PRO B 164 -26.49 -27.96 -39.99
N GLU B 165 -25.99 -28.65 -38.96
CA GLU B 165 -26.88 -29.42 -38.09
C GLU B 165 -26.54 -29.21 -36.62
N LYS B 166 -27.57 -29.14 -35.78
CA LYS B 166 -27.40 -28.87 -34.35
C LYS B 166 -26.72 -30.02 -33.60
N TYR B 167 -26.79 -31.22 -34.15
CA TYR B 167 -26.15 -32.38 -33.51
C TYR B 167 -24.64 -32.29 -33.68
N MET B 168 -24.22 -31.53 -34.68
CA MET B 168 -22.80 -31.24 -34.89
C MET B 168 -22.32 -30.25 -33.84
N MET B 169 -23.17 -29.25 -33.55
CA MET B 169 -22.87 -28.25 -32.54
C MET B 169 -22.72 -28.89 -31.16
N ASN B 170 -23.59 -29.85 -30.87
CA ASN B 170 -23.55 -30.59 -29.61
C ASN B 170 -22.27 -31.42 -29.50
N SER B 171 -21.89 -32.03 -30.61
CA SER B 171 -20.66 -32.80 -30.68
C SER B 171 -19.44 -31.96 -30.32
N VAL B 172 -19.38 -30.76 -30.92
CA VAL B 172 -18.32 -29.82 -30.62
C VAL B 172 -18.34 -29.38 -29.16
N LEU B 173 -19.54 -29.11 -28.65
CA LEU B 173 -19.72 -28.57 -27.31
C LEU B 173 -19.46 -29.58 -26.20
N GLU B 174 -19.34 -30.85 -26.57
CA GLU B 174 -19.08 -31.92 -25.61
C GLU B 174 -17.73 -31.76 -24.95
N ASN B 175 -16.78 -31.20 -25.69
CA ASN B 175 -15.42 -31.01 -25.21
C ASN B 175 -15.10 -29.54 -24.96
N PHE B 176 -16.15 -28.74 -24.86
CA PHE B 176 -16.02 -27.33 -24.51
C PHE B 176 -16.63 -27.07 -23.14
N THR B 177 -15.80 -26.69 -22.17
CA THR B 177 -16.28 -26.38 -20.84
C THR B 177 -15.73 -25.04 -20.36
N ILE B 178 -16.32 -24.51 -19.28
CA ILE B 178 -15.82 -23.29 -18.67
C ILE B 178 -15.78 -23.41 -17.15
N LEU B 179 -14.63 -23.10 -16.57
CA LEU B 179 -14.45 -23.14 -15.13
C LEU B 179 -14.31 -21.73 -14.57
N GLN B 180 -15.32 -21.28 -13.83
CA GLN B 180 -15.25 -19.99 -13.16
C GLN B 180 -14.85 -20.17 -11.69
N VAL B 181 -13.74 -19.54 -11.31
CA VAL B 181 -13.24 -19.62 -9.96
C VAL B 181 -13.15 -18.23 -9.35
N VAL B 182 -13.89 -18.00 -8.27
CA VAL B 182 -13.85 -16.72 -7.59
C VAL B 182 -13.12 -16.83 -6.27
N THR B 183 -12.08 -16.03 -6.11
CA THR B 183 -11.31 -16.01 -4.86
C THR B 183 -11.28 -14.62 -4.24
N SER B 184 -11.02 -14.56 -2.95
CA SER B 184 -10.68 -13.29 -2.30
C SER B 184 -9.29 -12.90 -2.76
N ARG B 185 -9.13 -11.66 -3.21
CA ARG B 185 -7.89 -11.21 -3.84
C ARG B 185 -6.66 -11.36 -2.95
N ASP B 186 -6.82 -11.09 -1.66
CA ASP B 186 -5.68 -11.06 -0.74
C ASP B 186 -5.30 -12.43 -0.17
N SER B 187 -6.29 -13.15 0.38
CA SER B 187 -6.01 -14.44 1.01
C SER B 187 -6.06 -15.58 0.00
N GLN B 188 -6.62 -15.30 -1.18
CA GLN B 188 -6.75 -16.28 -2.26
C GLN B 188 -7.61 -17.46 -1.86
N GLU B 189 -8.49 -17.25 -0.89
CA GLU B 189 -9.41 -18.28 -0.44
C GLU B 189 -10.50 -18.51 -1.48
N THR B 190 -10.81 -19.76 -1.74
CA THR B 190 -11.86 -20.10 -2.70
C THR B 190 -13.24 -19.69 -2.16
N LEU B 191 -13.87 -18.75 -2.84
CA LEU B 191 -15.17 -18.23 -2.44
C LEU B 191 -16.29 -18.94 -3.19
N LEU B 192 -16.08 -19.20 -4.47
CA LEU B 192 -17.10 -19.80 -5.32
C LEU B 192 -16.49 -20.42 -6.57
N VAL B 193 -16.90 -21.65 -6.87
CA VAL B 193 -16.46 -22.32 -8.10
C VAL B 193 -17.66 -22.84 -8.89
N ILE B 194 -17.77 -22.41 -10.14
CA ILE B 194 -18.84 -22.87 -11.01
C ILE B 194 -18.31 -23.52 -12.27
N ALA B 195 -18.64 -24.79 -12.46
CA ALA B 195 -18.29 -25.51 -13.69
C ALA B 195 -19.44 -25.42 -14.69
N PHE B 196 -19.11 -25.08 -15.93
CA PHE B 196 -20.12 -24.97 -16.98
C PHE B 196 -19.95 -26.04 -18.04
N VAL B 197 -21.03 -26.75 -18.35
CA VAL B 197 -21.06 -27.67 -19.49
C VAL B 197 -22.19 -27.21 -20.42
N PHE B 198 -22.08 -27.55 -21.70
CA PHE B 198 -22.95 -26.94 -22.70
C PHE B 198 -23.63 -27.90 -23.68
N GLU B 199 -24.86 -27.53 -24.04
CA GLU B 199 -25.56 -28.12 -25.18
C GLU B 199 -26.20 -26.98 -25.97
N VAL B 200 -26.70 -27.27 -27.16
CA VAL B 200 -27.46 -26.29 -27.92
C VAL B 200 -28.94 -26.46 -27.60
N SER B 201 -29.60 -25.36 -27.28
CA SER B 201 -31.03 -25.38 -27.01
C SER B 201 -31.80 -25.67 -28.28
N THR B 202 -32.91 -26.40 -28.15
CA THR B 202 -33.70 -26.79 -29.32
C THR B 202 -35.17 -26.37 -29.18
N SER B 203 -35.53 -25.88 -28.01
CA SER B 203 -36.92 -25.51 -27.73
C SER B 203 -37.21 -24.07 -28.14
N GLU B 204 -38.50 -23.72 -28.18
CA GLU B 204 -38.92 -22.38 -28.53
C GLU B 204 -38.86 -21.46 -27.31
N HIS B 205 -38.56 -22.04 -26.15
CA HIS B 205 -38.43 -21.29 -24.92
C HIS B 205 -37.02 -20.70 -24.82
N GLY B 206 -36.16 -21.10 -25.74
CA GLY B 206 -34.81 -20.57 -25.80
C GLY B 206 -33.84 -21.24 -24.85
N ALA B 207 -32.93 -20.45 -24.31
CA ALA B 207 -31.87 -20.98 -23.44
C ALA B 207 -32.43 -21.57 -22.15
N GLN B 208 -31.87 -22.70 -21.75
CA GLN B 208 -32.24 -23.35 -20.50
C GLN B 208 -30.99 -23.62 -19.68
N HIS B 209 -31.16 -23.84 -18.38
CA HIS B 209 -30.04 -24.20 -17.52
C HIS B 209 -30.48 -25.07 -16.35
N HIS B 210 -29.59 -25.94 -15.90
CA HIS B 210 -29.84 -26.81 -14.76
C HIS B 210 -28.69 -26.71 -13.78
N VAL B 211 -29.00 -26.41 -12.52
CA VAL B 211 -27.95 -26.19 -11.53
C VAL B 211 -27.80 -27.41 -10.62
N TYR B 212 -26.56 -27.87 -10.45
CA TYR B 212 -26.28 -29.00 -9.57
C TYR B 212 -25.27 -28.61 -8.51
N LYS B 213 -25.41 -29.21 -7.33
CA LYS B 213 -24.38 -29.09 -6.31
C LYS B 213 -23.36 -30.19 -6.53
N LEU B 214 -22.08 -29.81 -6.52
CA LEU B 214 -21.01 -30.78 -6.72
C LEU B 214 -20.65 -31.45 -5.39
N VAL B 215 -20.70 -32.78 -5.38
CA VAL B 215 -20.34 -33.56 -4.20
C VAL B 215 -19.22 -34.54 -4.55
N LYS B 216 -18.72 -35.25 -3.54
CA LYS B 216 -17.64 -36.20 -3.76
C LYS B 216 -17.74 -37.39 -2.81
N THR C 1 -10.21 -7.52 15.85
CA THR C 1 -10.57 -7.67 17.26
C THR C 1 -10.42 -6.35 18.01
N ILE C 2 -9.56 -5.48 17.50
CA ILE C 2 -9.34 -4.18 18.08
C ILE C 2 -10.12 -3.12 17.30
N ALA C 3 -11.29 -2.76 17.82
CA ALA C 3 -12.16 -1.83 17.12
C ALA C 3 -13.07 -1.05 18.06
N SER C 4 -13.13 0.26 17.87
CA SER C 4 -14.09 1.10 18.57
C SER C 4 -15.39 1.17 17.79
N SER C 5 -16.22 2.15 18.10
CA SER C 5 -17.47 2.34 17.38
C SER C 5 -17.23 3.06 16.05
N ARG C 6 -16.08 3.72 15.93
CA ARG C 6 -15.81 4.55 14.76
C ARG C 6 -14.54 4.17 13.98
N LEU C 7 -13.71 3.31 14.55
CA LEU C 7 -12.48 2.91 13.88
C LEU C 7 -12.01 1.53 14.28
N ARG C 8 -11.50 0.79 13.33
CA ARG C 8 -10.99 -0.53 13.55
C ARG C 8 -9.56 -0.70 13.11
N LEU C 9 -8.79 -1.43 13.88
CA LEU C 9 -7.40 -1.69 13.53
C LEU C 9 -7.29 -3.02 12.77
N LEU C 10 -6.89 -2.95 11.51
CA LEU C 10 -6.81 -4.15 10.66
C LEU C 10 -5.46 -4.84 10.76
N GLU C 11 -4.40 -4.06 10.89
CA GLU C 11 -3.04 -4.61 10.88
C GLU C 11 -2.07 -3.72 11.64
N TYR C 12 -1.11 -4.35 12.31
CA TYR C 12 -0.01 -3.64 12.93
C TYR C 12 1.19 -4.54 13.09
N SER C 13 2.23 -4.27 12.31
CA SER C 13 3.46 -5.06 12.37
C SER C 13 4.68 -4.16 12.38
N ALA C 14 5.59 -4.42 13.32
CA ALA C 14 6.89 -3.77 13.33
C ALA C 14 7.92 -4.78 12.84
N PHE C 15 8.85 -4.33 12.01
CA PHE C 15 9.77 -5.25 11.36
C PHE C 15 11.08 -4.61 10.96
N MET C 16 12.03 -5.46 10.58
CA MET C 16 13.24 -5.02 9.90
C MET C 16 13.44 -5.88 8.66
N GLU C 17 13.96 -5.30 7.59
CA GLU C 17 14.25 -6.09 6.40
C GLU C 17 15.65 -5.81 5.88
N VAL C 18 16.35 -6.88 5.51
CA VAL C 18 17.72 -6.79 5.02
C VAL C 18 17.77 -7.15 3.53
N GLN C 19 18.55 -6.38 2.77
CA GLN C 19 18.77 -6.67 1.36
C GLN C 19 20.07 -7.43 1.19
N ARG C 20 19.96 -8.72 0.88
CA ARG C 20 21.15 -9.56 0.71
C ARG C 20 21.81 -9.30 -0.64
N ASP C 21 20.98 -9.18 -1.68
CA ASP C 21 21.44 -8.80 -3.01
C ASP C 21 20.29 -8.00 -3.65
N PRO C 22 20.53 -7.35 -4.80
CA PRO C 22 19.47 -6.50 -5.39
C PRO C 22 18.09 -7.17 -5.55
N ASP C 23 18.05 -8.49 -5.62
CA ASP C 23 16.78 -9.18 -5.85
C ASP C 23 16.34 -10.05 -4.68
N THR C 24 16.99 -9.90 -3.53
CA THR C 24 16.70 -10.77 -2.40
C THR C 24 16.55 -10.00 -1.10
N TYR C 25 15.40 -10.20 -0.44
CA TYR C 25 15.13 -9.51 0.82
C TYR C 25 14.71 -10.49 1.90
N SER C 26 15.14 -10.21 3.11
CA SER C 26 14.82 -11.00 4.26
C SER C 26 14.06 -10.11 5.20
N LYS C 27 12.93 -10.55 5.66
CA LYS C 27 12.13 -9.75 6.55
C LYS C 27 11.89 -10.38 7.90
N HIS C 28 12.12 -9.63 8.96
CA HIS C 28 11.89 -10.14 10.29
C HIS C 28 10.83 -9.35 11.03
N LEU C 29 9.85 -10.03 11.59
CA LEU C 29 8.81 -9.35 12.34
C LEU C 29 9.10 -9.37 13.84
N PHE C 30 9.14 -8.20 14.45
CA PHE C 30 9.27 -8.09 15.90
C PHE C 30 7.92 -8.38 16.55
N VAL C 31 6.90 -7.65 16.10
CA VAL C 31 5.53 -7.86 16.56
C VAL C 31 4.56 -7.76 15.39
N HIS C 32 3.40 -8.40 15.52
CA HIS C 32 2.40 -8.37 14.45
C HIS C 32 0.99 -8.63 14.96
N ILE C 33 0.01 -7.99 14.32
CA ILE C 33 -1.39 -8.21 14.66
C ILE C 33 -2.25 -8.42 13.41
N PRO C 43 -14.77 -12.52 18.29
CA PRO C 43 -14.14 -13.07 19.50
C PRO C 43 -14.13 -12.08 20.65
N PRO C 44 -14.66 -12.47 21.81
CA PRO C 44 -14.75 -11.58 22.98
C PRO C 44 -13.39 -11.31 23.61
N LEU C 45 -13.28 -10.18 24.29
CA LEU C 45 -12.01 -9.74 24.88
C LEU C 45 -12.08 -9.80 26.40
N GLU C 46 -11.00 -10.27 27.03
CA GLU C 46 -10.89 -10.19 28.47
C GLU C 46 -10.74 -8.73 28.87
N ALA C 47 -11.42 -8.32 29.93
CA ALA C 47 -11.41 -6.93 30.36
C ALA C 47 -10.33 -6.67 31.40
N VAL C 48 -9.69 -5.51 31.29
CA VAL C 48 -8.74 -5.05 32.29
C VAL C 48 -9.12 -3.66 32.77
N ASP C 49 -9.31 -3.51 34.08
CA ASP C 49 -9.62 -2.21 34.66
C ASP C 49 -8.47 -1.24 34.37
N VAL C 50 -8.80 -0.11 33.76
CA VAL C 50 -7.80 0.84 33.27
C VAL C 50 -6.90 1.37 34.39
N ARG C 51 -7.42 1.41 35.60
CA ARG C 51 -6.65 1.89 36.75
C ARG C 51 -5.55 0.92 37.16
N GLN C 52 -5.65 -0.32 36.69
CA GLN C 52 -4.63 -1.32 36.99
C GLN C 52 -3.34 -1.04 36.22
N ILE C 53 -3.43 -0.26 35.15
CA ILE C 53 -2.26 0.03 34.32
C ILE C 53 -1.92 1.52 34.28
N TYR C 54 -2.54 2.31 35.16
CA TYR C 54 -2.19 3.72 35.29
C TYR C 54 -0.72 3.87 35.68
N ASP C 55 -0.23 2.93 36.48
CA ASP C 55 1.16 2.95 36.94
C ASP C 55 2.15 2.75 35.80
N LYS C 56 1.76 1.95 34.82
CA LYS C 56 2.62 1.72 33.66
C LYS C 56 2.57 2.88 32.68
N PHE C 57 1.54 3.71 32.80
CA PHE C 57 1.40 4.88 31.93
C PHE C 57 1.17 6.16 32.74
N PRO C 58 2.19 6.58 33.52
CA PRO C 58 2.02 7.72 34.43
C PRO C 58 2.17 9.09 33.76
N GLU C 59 2.23 9.12 32.43
CA GLU C 59 2.33 10.38 31.70
C GLU C 59 1.07 11.21 31.93
N LYS C 60 1.26 12.45 32.37
CA LYS C 60 0.15 13.30 32.78
C LYS C 60 -0.59 13.92 31.59
N LYS C 61 0.14 14.64 30.75
CA LYS C 61 -0.49 15.34 29.62
C LYS C 61 -0.52 14.48 28.37
N GLY C 62 -1.72 14.27 27.86
CA GLY C 62 -1.91 13.40 26.70
C GLY C 62 -1.69 11.96 27.12
N GLY C 63 -1.86 11.70 28.40
CA GLY C 63 -1.66 10.38 28.97
C GLY C 63 -2.93 9.56 28.98
N LEU C 64 -2.84 8.37 29.55
CA LEU C 64 -3.94 7.40 29.51
C LEU C 64 -5.15 7.85 30.34
N LYS C 65 -4.91 8.16 31.61
CA LYS C 65 -5.99 8.56 32.51
C LYS C 65 -6.72 9.80 32.01
N GLU C 66 -5.96 10.73 31.46
CA GLU C 66 -6.52 11.96 30.89
C GLU C 66 -7.43 11.61 29.70
N LEU C 67 -6.91 10.76 28.81
CA LEU C 67 -7.63 10.37 27.61
C LEU C 67 -8.86 9.52 27.91
N TYR C 68 -8.75 8.61 28.89
CA TYR C 68 -9.85 7.71 29.19
C TYR C 68 -11.04 8.46 29.80
N GLU C 69 -10.77 9.42 30.66
CA GLU C 69 -11.83 10.21 31.27
C GLU C 69 -12.52 11.07 30.23
N LYS C 70 -11.76 11.49 29.22
CA LYS C 70 -12.31 12.24 28.11
C LYS C 70 -13.25 11.36 27.29
N GLY C 71 -12.87 10.11 27.11
CA GLY C 71 -13.69 9.15 26.41
C GLY C 71 -13.56 9.21 24.90
N PRO C 72 -14.32 8.39 24.18
CA PRO C 72 -15.27 7.41 24.74
C PRO C 72 -14.56 6.15 25.22
N PRO C 73 -15.12 5.48 26.24
CA PRO C 73 -14.51 4.28 26.85
C PRO C 73 -14.35 3.12 25.86
N ASN C 74 -15.26 3.03 24.90
CA ASN C 74 -15.25 1.95 23.92
C ASN C 74 -14.03 1.99 22.99
N ALA C 75 -13.26 3.07 23.07
CA ALA C 75 -12.14 3.27 22.16
C ALA C 75 -10.81 2.77 22.72
N PHE C 76 -10.83 2.26 23.94
CA PHE C 76 -9.59 1.97 24.65
C PHE C 76 -9.25 0.49 24.74
N PHE C 77 -8.03 0.15 24.33
CA PHE C 77 -7.58 -1.23 24.31
C PHE C 77 -6.16 -1.35 24.86
N LEU C 78 -5.82 -2.55 25.34
CA LEU C 78 -4.49 -2.86 25.80
C LEU C 78 -3.95 -4.08 25.07
N VAL C 79 -2.76 -3.95 24.48
CA VAL C 79 -2.12 -5.07 23.82
C VAL C 79 -0.82 -5.42 24.51
N LYS C 80 -0.69 -6.67 24.95
CA LYS C 80 0.58 -7.15 25.48
C LYS C 80 1.34 -7.89 24.39
N PHE C 81 2.54 -7.41 24.09
CA PHE C 81 3.36 -8.03 23.05
C PHE C 81 4.46 -8.91 23.64
N TRP C 82 4.60 -10.12 23.08
CA TRP C 82 5.80 -10.91 23.27
C TRP C 82 6.65 -10.76 22.01
N ALA C 83 7.54 -9.78 22.02
CA ALA C 83 8.33 -9.44 20.84
C ALA C 83 9.36 -10.51 20.49
N ASP C 84 9.52 -10.76 19.19
CA ASP C 84 10.55 -11.66 18.69
C ASP C 84 11.84 -10.87 18.41
N LEU C 85 12.85 -11.08 19.26
CA LEU C 85 14.13 -10.40 19.11
C LEU C 85 15.21 -11.38 18.65
N ASN C 86 14.80 -12.60 18.30
CA ASN C 86 15.71 -13.58 17.75
C ASN C 86 16.23 -13.14 16.38
N SER C 87 17.55 -13.15 16.21
CA SER C 87 18.14 -12.75 14.95
C SER C 87 18.05 -13.86 13.93
N THR C 88 17.00 -13.84 13.11
CA THR C 88 16.79 -14.88 12.10
C THR C 88 17.34 -14.43 10.75
N ILE C 89 17.80 -13.18 10.69
CA ILE C 89 18.37 -12.64 9.46
C ILE C 89 19.70 -11.94 9.73
N GLN C 90 20.28 -11.38 8.67
CA GLN C 90 21.67 -10.93 8.70
C GLN C 90 21.93 -9.70 9.57
N GLU C 91 21.06 -8.69 9.46
CA GLU C 91 21.26 -7.39 10.11
C GLU C 91 22.61 -6.82 9.67
N GLY C 92 22.76 -6.60 8.37
CA GLY C 92 23.91 -5.89 7.85
C GLY C 92 23.65 -4.41 8.02
N PRO C 93 24.69 -3.58 7.89
CA PRO C 93 24.53 -2.13 7.98
C PRO C 93 23.51 -1.60 6.97
N GLY C 94 22.68 -0.66 7.41
CA GLY C 94 21.71 -0.04 6.51
C GLY C 94 20.44 -0.84 6.32
N ALA C 95 20.15 -1.73 7.26
CA ALA C 95 18.89 -2.46 7.23
C ALA C 95 17.73 -1.50 7.49
N PHE C 96 16.54 -1.85 7.01
CA PHE C 96 15.39 -0.97 7.15
C PHE C 96 14.47 -1.40 8.28
N TYR C 97 14.21 -0.48 9.21
CA TYR C 97 13.28 -0.71 10.31
C TYR C 97 11.99 0.05 10.05
N GLY C 98 10.86 -0.65 10.03
CA GLY C 98 9.59 -0.01 9.73
C GLY C 98 8.40 -0.53 10.49
N VAL C 99 7.33 0.26 10.48
CA VAL C 99 6.03 -0.16 11.00
C VAL C 99 4.97 0.02 9.92
N SER C 100 4.16 -1.02 9.70
CA SER C 100 3.05 -0.94 8.78
C SER C 100 1.74 -1.17 9.51
N SER C 101 0.72 -0.40 9.17
CA SER C 101 -0.56 -0.51 9.85
C SER C 101 -1.74 -0.09 8.96
N GLN C 102 -2.90 -0.70 9.21
CA GLN C 102 -4.10 -0.39 8.44
C GLN C 102 -5.29 -0.22 9.38
N TYR C 103 -6.12 0.79 9.09
CA TYR C 103 -7.36 1.00 9.83
C TYR C 103 -8.52 1.06 8.85
N SER C 104 -9.73 0.85 9.35
CA SER C 104 -10.92 0.99 8.53
C SER C 104 -12.06 1.62 9.33
N SER C 105 -13.00 2.23 8.63
CA SER C 105 -14.14 2.85 9.28
C SER C 105 -15.34 2.90 8.33
N ALA C 106 -16.52 3.06 8.89
CA ALA C 106 -17.73 3.15 8.08
C ALA C 106 -17.85 4.53 7.45
N ASP C 107 -17.31 5.55 8.13
CA ASP C 107 -17.41 6.91 7.65
C ASP C 107 -16.06 7.45 7.19
N SER C 108 -16.10 8.32 6.18
CA SER C 108 -14.90 8.95 5.67
C SER C 108 -14.38 10.01 6.64
N MET C 109 -13.14 9.86 7.06
CA MET C 109 -12.52 10.79 8.00
C MET C 109 -11.10 11.14 7.59
N THR C 110 -10.61 12.25 8.11
CA THR C 110 -9.18 12.52 8.11
C THR C 110 -8.68 12.25 9.52
N ILE C 111 -7.76 11.30 9.67
CA ILE C 111 -7.34 10.90 11.00
C ILE C 111 -5.89 11.28 11.30
N SER C 112 -5.61 11.50 12.58
CA SER C 112 -4.27 11.76 13.05
C SER C 112 -3.82 10.61 13.95
N VAL C 113 -2.74 9.94 13.56
CA VAL C 113 -2.23 8.84 14.36
C VAL C 113 -1.01 9.28 15.17
N SER C 114 -1.19 9.46 16.47
CA SER C 114 -0.09 9.83 17.36
C SER C 114 0.48 8.61 18.07
N THR C 115 1.76 8.34 17.82
CA THR C 115 2.42 7.22 18.46
C THR C 115 3.48 7.74 19.43
N LYS C 116 3.24 7.50 20.73
CA LYS C 116 4.14 8.00 21.77
C LYS C 116 4.98 6.87 22.35
N VAL C 117 6.30 7.03 22.28
CA VAL C 117 7.21 6.06 22.87
C VAL C 117 7.63 6.52 24.27
N CYS C 118 7.37 5.67 25.26
CA CYS C 118 7.72 6.00 26.65
C CYS C 118 8.70 4.99 27.24
N SER C 119 9.80 5.50 27.77
CA SER C 119 10.74 4.68 28.52
C SER C 119 10.94 5.28 29.91
N PHE C 120 10.73 4.46 30.94
CA PHE C 120 10.82 4.90 32.33
C PHE C 120 9.84 6.03 32.64
N GLY C 121 8.63 5.90 32.10
CA GLY C 121 7.54 6.82 32.40
C GLY C 121 7.59 8.15 31.68
N LYS C 122 8.67 8.40 30.95
CA LYS C 122 8.82 9.67 30.24
C LYS C 122 8.68 9.49 28.73
N GLN C 123 7.85 10.33 28.12
CA GLN C 123 7.65 10.30 26.67
C GLN C 123 8.94 10.73 25.97
N VAL C 124 9.59 9.75 25.34
CA VAL C 124 10.89 9.98 24.70
C VAL C 124 10.74 10.37 23.23
N VAL C 125 9.85 9.70 22.51
CA VAL C 125 9.57 10.02 21.11
C VAL C 125 8.07 10.06 20.83
N GLU C 126 7.61 11.11 20.14
CA GLU C 126 6.25 11.12 19.62
C GLU C 126 6.26 11.23 18.10
N LYS C 127 5.55 10.31 17.44
CA LYS C 127 5.38 10.37 16.00
C LYS C 127 3.95 10.74 15.68
N VAL C 128 3.77 11.70 14.78
CA VAL C 128 2.43 12.13 14.38
C VAL C 128 2.23 11.96 12.89
N GLU C 129 1.27 11.12 12.52
CA GLU C 129 0.97 10.88 11.11
C GLU C 129 -0.48 11.20 10.79
N THR C 130 -0.68 11.95 9.71
CA THR C 130 -2.01 12.27 9.21
C THR C 130 -2.32 11.39 8.00
N GLU C 131 -3.51 10.79 7.99
CA GLU C 131 -3.90 9.96 6.86
C GLU C 131 -5.33 10.26 6.41
N TYR C 132 -5.55 10.17 5.10
CA TYR C 132 -6.83 10.55 4.50
C TYR C 132 -7.59 9.30 4.09
N ALA C 133 -8.91 9.33 4.29
CA ALA C 133 -9.76 8.18 4.01
C ALA C 133 -9.73 7.78 2.53
N ARG C 134 -9.76 6.48 2.27
CA ARG C 134 -9.91 5.98 0.91
C ARG C 134 -11.10 5.05 0.81
N LEU C 135 -12.00 5.35 -0.12
CA LEU C 135 -13.14 4.48 -0.38
C LEU C 135 -12.67 3.16 -0.98
N GLU C 136 -12.90 2.07 -0.25
CA GLU C 136 -12.53 0.74 -0.74
C GLU C 136 -13.50 -0.32 -0.25
N ASN C 137 -14.14 -0.99 -1.21
CA ASN C 137 -15.11 -2.04 -0.93
C ASN C 137 -16.24 -1.62 0.00
N GLY C 138 -16.72 -0.39 -0.18
CA GLY C 138 -17.87 0.09 0.57
C GLY C 138 -17.50 0.74 1.89
N ARG C 139 -16.27 0.55 2.33
CA ARG C 139 -15.80 1.15 3.58
C ARG C 139 -14.68 2.15 3.28
N PHE C 140 -14.08 2.71 4.32
CA PHE C 140 -12.95 3.60 4.17
C PHE C 140 -11.75 3.05 4.91
N VAL C 141 -10.63 2.93 4.20
CA VAL C 141 -9.42 2.37 4.79
C VAL C 141 -8.31 3.40 4.91
N TYR C 142 -7.42 3.16 5.88
CA TYR C 142 -6.31 4.06 6.15
C TYR C 142 -5.03 3.23 6.24
N ARG C 143 -4.13 3.43 5.27
CA ARG C 143 -2.92 2.62 5.22
C ARG C 143 -1.66 3.44 5.46
N ILE C 144 -0.96 3.11 6.55
CA ILE C 144 0.34 3.68 6.84
C ILE C 144 1.38 2.59 6.59
N HIS C 145 1.96 2.60 5.39
CA HIS C 145 2.79 1.50 4.92
C HIS C 145 4.28 1.81 5.04
N ARG C 146 5.02 0.87 5.64
CA ARG C 146 6.47 0.96 5.78
C ARG C 146 6.93 2.30 6.35
N SER C 147 6.29 2.70 7.44
CA SER C 147 6.68 3.89 8.18
C SER C 147 7.97 3.64 8.95
N PRO C 148 9.05 4.36 8.60
CA PRO C 148 10.38 4.11 9.15
C PRO C 148 10.46 4.39 10.65
N MET C 149 11.02 3.45 11.41
CA MET C 149 11.26 3.65 12.83
C MET C 149 12.23 4.81 13.03
N GLU C 151 15.35 6.54 14.96
CA GLU C 151 16.64 5.98 15.34
C GLU C 151 16.65 5.53 16.80
N TYR C 152 15.85 6.20 17.64
CA TYR C 152 15.75 5.82 19.05
C TYR C 152 15.31 4.36 19.21
N MET C 153 14.26 3.99 18.49
CA MET C 153 13.74 2.63 18.58
C MET C 153 14.72 1.61 18.04
N ILE C 154 15.42 1.97 16.97
CA ILE C 154 16.42 1.09 16.37
C ILE C 154 17.55 0.79 17.36
N ASN C 155 18.08 1.84 17.98
CA ASN C 155 19.12 1.72 18.97
C ASN C 155 18.64 0.96 20.20
N PHE C 156 17.39 1.19 20.57
CA PHE C 156 16.79 0.54 21.72
C PHE C 156 16.74 -0.97 21.53
N ILE C 157 16.36 -1.38 20.31
CA ILE C 157 16.30 -2.80 19.97
C ILE C 157 17.70 -3.42 20.00
N HIS C 158 18.67 -2.69 19.50
CA HIS C 158 20.06 -3.14 19.52
C HIS C 158 20.55 -3.31 20.96
N LYS C 159 20.30 -2.29 21.78
CA LYS C 159 20.68 -2.32 23.18
C LYS C 159 20.02 -3.49 23.91
N LEU C 160 18.77 -3.76 23.55
CA LEU C 160 18.02 -4.86 24.13
C LEU C 160 18.66 -6.21 23.78
N LYS C 161 19.04 -6.38 22.52
CA LYS C 161 19.57 -7.64 22.03
C LYS C 161 21.01 -7.89 22.50
N HIS C 162 21.71 -6.81 22.84
CA HIS C 162 23.09 -6.92 23.29
C HIS C 162 23.18 -7.22 24.79
N LEU C 163 22.03 -7.51 25.39
CA LEU C 163 21.98 -7.93 26.78
C LEU C 163 22.18 -9.44 26.87
N PRO C 164 22.97 -9.91 27.85
CA PRO C 164 23.32 -11.32 27.99
C PRO C 164 22.15 -12.24 28.31
N GLU C 165 21.15 -11.73 29.03
CA GLU C 165 20.03 -12.56 29.45
C GLU C 165 18.68 -11.93 29.12
N LYS C 166 17.67 -12.77 28.93
CA LYS C 166 16.34 -12.31 28.55
C LYS C 166 15.55 -11.74 29.72
N TYR C 167 15.90 -12.15 30.94
CA TYR C 167 15.24 -11.60 32.13
C TYR C 167 15.72 -10.17 32.35
N MET C 168 16.88 -9.85 31.81
CA MET C 168 17.39 -8.48 31.82
C MET C 168 16.60 -7.63 30.82
N MET C 169 16.32 -8.22 29.66
CA MET C 169 15.53 -7.57 28.63
C MET C 169 14.13 -7.26 29.16
N ASN C 170 13.54 -8.23 29.84
CA ASN C 170 12.23 -8.06 30.45
C ASN C 170 12.23 -7.01 31.54
N SER C 171 13.33 -6.90 32.29
CA SER C 171 13.45 -5.87 33.31
C SER C 171 13.37 -4.48 32.67
N VAL C 172 14.08 -4.32 31.56
CA VAL C 172 14.06 -3.09 30.79
C VAL C 172 12.67 -2.83 30.21
N LEU C 173 12.07 -3.87 29.66
CA LEU C 173 10.79 -3.77 28.95
C LEU C 173 9.61 -3.47 29.87
N GLU C 174 9.77 -3.75 31.15
CA GLU C 174 8.77 -3.34 32.14
C GLU C 174 8.62 -1.83 32.13
N ASN C 175 9.72 -1.16 31.79
CA ASN C 175 9.77 0.30 31.78
C ASN C 175 9.61 0.87 30.37
N PHE C 176 9.15 0.03 29.44
CA PHE C 176 8.94 0.47 28.05
C PHE C 176 7.50 0.27 27.61
N THR C 177 6.84 1.37 27.25
CA THR C 177 5.48 1.32 26.75
C THR C 177 5.31 2.19 25.51
N ILE C 178 4.28 1.89 24.72
CA ILE C 178 3.90 2.70 23.58
C ILE C 178 2.40 2.99 23.65
N LEU C 179 2.03 4.26 23.50
CA LEU C 179 0.63 4.64 23.51
C LEU C 179 0.23 5.21 22.16
N GLN C 180 -0.69 4.54 21.47
CA GLN C 180 -1.17 5.04 20.19
C GLN C 180 -2.53 5.69 20.34
N VAL C 181 -2.63 6.93 19.85
CA VAL C 181 -3.88 7.68 19.92
C VAL C 181 -4.31 8.13 18.54
N VAL C 182 -5.37 7.53 18.02
CA VAL C 182 -5.93 7.96 16.75
C VAL C 182 -7.11 8.87 16.97
N THR C 183 -7.05 10.07 16.38
CA THR C 183 -8.12 11.05 16.53
C THR C 183 -8.61 11.51 15.16
N SER C 184 -9.85 11.97 15.11
CA SER C 184 -10.35 12.65 13.93
C SER C 184 -9.69 14.02 13.87
N ARG C 185 -8.97 14.27 12.78
CA ARG C 185 -8.11 15.45 12.65
C ARG C 185 -8.83 16.77 12.95
N ASP C 186 -10.02 16.96 12.37
CA ASP C 186 -10.76 18.19 12.54
C ASP C 186 -11.51 18.27 13.86
N SER C 187 -12.34 17.24 14.13
CA SER C 187 -13.20 17.26 15.31
C SER C 187 -12.43 16.98 16.59
N GLN C 188 -11.20 16.46 16.44
CA GLN C 188 -10.33 16.10 17.56
C GLN C 188 -10.92 15.00 18.44
N GLU C 189 -11.95 14.32 17.93
CA GLU C 189 -12.55 13.21 18.66
C GLU C 189 -11.61 12.02 18.73
N THR C 190 -11.54 11.39 19.91
CA THR C 190 -10.75 10.18 20.07
C THR C 190 -11.44 9.02 19.36
N LEU C 191 -10.72 8.37 18.46
CA LEU C 191 -11.30 7.28 17.66
C LEU C 191 -10.84 5.92 18.18
N LEU C 192 -9.58 5.84 18.58
CA LEU C 192 -8.99 4.58 19.00
C LEU C 192 -7.73 4.82 19.83
N VAL C 193 -7.67 4.21 21.00
CA VAL C 193 -6.47 4.29 21.84
C VAL C 193 -5.95 2.90 22.16
N ILE C 194 -4.70 2.65 21.79
CA ILE C 194 -4.09 1.35 22.09
C ILE C 194 -2.83 1.52 22.92
N ALA C 195 -2.84 0.91 24.10
CA ALA C 195 -1.68 0.92 24.97
C ALA C 195 -0.88 -0.36 24.77
N PHE C 196 0.42 -0.21 24.53
CA PHE C 196 1.29 -1.35 24.30
C PHE C 196 2.25 -1.58 25.45
N VAL C 197 2.23 -2.78 26.01
CA VAL C 197 3.24 -3.19 26.99
C VAL C 197 4.02 -4.37 26.40
N PHE C 198 5.27 -4.55 26.85
CA PHE C 198 6.17 -5.46 26.16
C PHE C 198 6.88 -6.49 27.03
N GLU C 199 7.12 -7.65 26.42
CA GLU C 199 7.91 -8.73 26.98
C GLU C 199 8.67 -9.38 25.83
N VAL C 200 9.68 -10.18 26.13
CA VAL C 200 10.40 -10.91 25.09
C VAL C 200 9.77 -12.28 24.87
N SER C 201 9.46 -12.60 23.62
CA SER C 201 8.90 -13.89 23.27
C SER C 201 9.89 -15.00 23.63
N THR C 202 9.37 -16.14 24.05
CA THR C 202 10.20 -17.25 24.50
C THR C 202 9.88 -18.52 23.72
N SER C 203 8.78 -18.50 22.99
CA SER C 203 8.29 -19.70 22.30
C SER C 203 8.90 -19.84 20.91
N GLU C 204 8.93 -21.07 20.41
CA GLU C 204 9.41 -21.33 19.06
C GLU C 204 8.42 -20.80 18.03
N HIS C 205 7.21 -20.52 18.49
CA HIS C 205 6.18 -19.94 17.64
C HIS C 205 6.52 -18.50 17.27
N GLY C 206 7.44 -17.90 18.01
CA GLY C 206 7.87 -16.54 17.73
C GLY C 206 7.03 -15.51 18.45
N ALA C 207 6.81 -14.38 17.79
CA ALA C 207 6.08 -13.26 18.38
C ALA C 207 4.66 -13.64 18.78
N GLN C 208 4.25 -13.17 19.96
CA GLN C 208 2.89 -13.41 20.46
C GLN C 208 2.27 -12.11 20.93
N HIS C 209 0.94 -12.11 21.04
CA HIS C 209 0.23 -10.93 21.55
C HIS C 209 -1.08 -11.33 22.23
N HIS C 210 -1.51 -10.51 23.18
CA HIS C 210 -2.81 -10.69 23.82
C HIS C 210 -3.53 -9.36 23.89
N VAL C 211 -4.78 -9.34 23.43
CA VAL C 211 -5.56 -8.11 23.43
C VAL C 211 -6.59 -8.09 24.54
N TYR C 212 -6.64 -6.97 25.26
CA TYR C 212 -7.62 -6.79 26.32
C TYR C 212 -8.46 -5.54 26.07
N LYS C 213 -9.64 -5.49 26.68
CA LYS C 213 -10.50 -4.32 26.62
C LYS C 213 -10.34 -3.50 27.89
N LEU C 214 -9.99 -2.22 27.73
CA LEU C 214 -9.79 -1.34 28.88
C LEU C 214 -11.12 -0.83 29.43
N VAL C 215 -11.40 -1.18 30.68
CA VAL C 215 -12.64 -0.77 31.32
C VAL C 215 -12.37 0.02 32.60
N LYS C 216 -13.42 0.61 33.16
CA LYS C 216 -13.35 1.25 34.47
C LYS C 216 -14.53 0.77 35.30
N ASP C 217 -14.22 0.26 36.49
CA ASP C 217 -15.11 -0.53 37.37
C ASP C 217 -15.09 -2.00 36.95
N THR D 1 18.09 32.78 2.40
CA THR D 1 17.04 31.85 2.71
C THR D 1 17.57 30.48 3.01
N ILE D 2 16.88 29.79 3.91
CA ILE D 2 17.29 28.49 4.33
C ILE D 2 16.69 27.52 3.36
N ALA D 3 17.54 26.94 2.54
CA ALA D 3 17.10 26.02 1.55
C ALA D 3 18.19 25.17 1.04
N SER D 4 17.86 23.91 0.80
CA SER D 4 18.80 23.02 0.15
C SER D 4 18.49 22.99 -1.34
N SER D 5 18.96 21.96 -2.03
CA SER D 5 18.66 21.80 -3.44
C SER D 5 17.26 21.20 -3.61
N ARG D 6 16.77 20.58 -2.54
CA ARG D 6 15.54 19.79 -2.62
C ARG D 6 14.37 20.33 -1.80
N LEU D 7 14.65 21.19 -0.82
CA LEU D 7 13.59 21.69 0.05
C LEU D 7 13.90 23.08 0.59
N ARG D 8 12.86 23.90 0.72
CA ARG D 8 13.00 25.27 1.21
C ARG D 8 12.14 25.53 2.45
N LEU D 9 12.75 26.10 3.48
CA LEU D 9 11.98 26.55 4.65
C LEU D 9 11.38 27.91 4.33
N LEU D 10 10.07 28.00 4.43
CA LEU D 10 9.37 29.26 4.13
C LEU D 10 9.14 30.07 5.40
N GLU D 11 8.65 29.40 6.44
CA GLU D 11 8.36 30.08 7.69
C GLU D 11 8.54 29.13 8.87
N TYR D 12 8.96 29.68 10.00
CA TYR D 12 9.05 28.93 11.24
C TYR D 12 8.78 29.85 12.42
N SER D 13 7.92 29.41 13.33
CA SER D 13 7.60 30.21 14.50
C SER D 13 7.22 29.33 15.68
N ALA D 14 7.86 29.56 16.82
CA ALA D 14 7.43 28.96 18.08
C ALA D 14 6.78 30.02 18.93
N PHE D 15 5.59 29.73 19.44
CA PHE D 15 4.80 30.76 20.10
C PHE D 15 4.02 30.23 21.29
N MET D 16 3.43 31.18 22.01
CA MET D 16 2.51 30.91 23.09
C MET D 16 1.30 31.82 22.92
N GLU D 17 0.10 31.25 22.98
CA GLU D 17 -1.10 32.06 22.81
C GLU D 17 -2.10 31.80 23.93
N VAL D 18 -2.81 32.87 24.32
CA VAL D 18 -3.80 32.75 25.37
C VAL D 18 -5.16 33.24 24.89
N GLN D 19 -6.18 32.41 25.05
CA GLN D 19 -7.56 32.79 24.76
C GLN D 19 -8.31 32.88 26.09
N ARG D 20 -8.14 34.01 26.78
CA ARG D 20 -8.71 34.23 28.10
C ARG D 20 -10.23 34.05 28.12
N ASP D 21 -10.89 34.62 27.12
CA ASP D 21 -12.33 34.48 26.95
C ASP D 21 -12.64 34.51 25.45
N PRO D 22 -13.90 34.32 25.06
CA PRO D 22 -14.21 34.32 23.61
C PRO D 22 -13.88 35.63 22.88
N ASP D 23 -13.66 36.71 23.62
CA ASP D 23 -13.41 38.01 23.00
C ASP D 23 -11.96 38.48 23.16
N THR D 24 -11.17 37.73 23.93
CA THR D 24 -9.81 38.15 24.22
C THR D 24 -8.77 37.10 23.81
N TYR D 25 -7.83 37.53 22.97
CA TYR D 25 -6.78 36.66 22.46
C TYR D 25 -5.43 37.35 22.51
N SER D 26 -4.40 36.62 22.91
CA SER D 26 -3.04 37.15 22.92
C SER D 26 -2.08 36.13 22.33
N LYS D 27 -1.04 36.61 21.64
CA LYS D 27 -0.03 35.72 21.06
C LYS D 27 1.37 36.27 21.26
N HIS D 28 2.24 35.47 21.87
CA HIS D 28 3.63 35.84 22.06
C HIS D 28 4.56 34.93 21.27
N LEU D 29 5.35 35.52 20.39
CA LEU D 29 6.33 34.76 19.62
C LEU D 29 7.64 34.61 20.40
N PHE D 30 8.09 33.38 20.54
CA PHE D 30 9.40 33.13 21.16
C PHE D 30 10.47 33.36 20.11
N VAL D 31 10.35 32.65 19.00
CA VAL D 31 11.24 32.81 17.86
C VAL D 31 10.42 32.86 16.58
N HIS D 32 10.97 33.48 15.53
CA HIS D 32 10.25 33.59 14.27
C HIS D 32 11.18 33.73 13.07
N ILE D 33 10.94 32.92 12.05
CA ILE D 33 11.64 33.04 10.78
C ILE D 33 10.63 33.25 9.66
N GLY D 34 10.62 34.45 9.08
CA GLY D 34 9.73 34.75 7.97
C GLY D 34 10.32 34.33 6.64
N PRO D 44 23.75 37.16 1.05
CA PRO D 44 24.75 36.10 1.22
C PRO D 44 24.91 35.64 2.67
N LEU D 45 24.68 34.36 2.92
CA LEU D 45 24.86 33.79 4.24
C LEU D 45 26.34 33.68 4.60
N GLU D 46 26.66 33.86 5.87
CA GLU D 46 28.02 33.64 6.35
C GLU D 46 28.20 32.17 6.69
N ALA D 47 29.46 31.72 6.71
CA ALA D 47 29.73 30.31 6.95
C ALA D 47 30.20 30.05 8.38
N VAL D 48 29.83 28.89 8.89
CA VAL D 48 30.30 28.40 10.18
C VAL D 48 30.79 26.97 10.02
N ASP D 49 32.02 26.69 10.44
CA ASP D 49 32.54 25.34 10.38
C ASP D 49 31.74 24.42 11.30
N VAL D 50 31.27 23.31 10.74
CA VAL D 50 30.35 22.41 11.43
C VAL D 50 30.99 21.74 12.66
N ARG D 51 32.32 21.64 12.66
CA ARG D 51 33.03 20.98 13.75
C ARG D 51 32.92 21.77 15.06
N GLN D 52 32.63 23.06 14.95
CA GLN D 52 32.56 23.95 16.10
C GLN D 52 31.33 23.69 16.97
N ILE D 53 30.34 23.02 16.41
CA ILE D 53 29.08 22.80 17.11
C ILE D 53 28.78 21.31 17.35
N TYR D 54 29.76 20.46 17.09
CA TYR D 54 29.59 19.02 17.31
C TYR D 54 29.23 18.69 18.75
N ASP D 55 29.84 19.43 19.67
CA ASP D 55 29.69 19.17 21.10
C ASP D 55 28.27 19.46 21.61
N LYS D 56 27.56 20.35 20.92
CA LYS D 56 26.24 20.76 21.37
C LYS D 56 25.13 19.88 20.79
N PHE D 57 25.51 18.86 20.04
CA PHE D 57 24.54 18.00 19.38
C PHE D 57 24.99 16.52 19.44
N PRO D 58 24.04 15.63 19.27
CA PRO D 58 24.30 14.21 19.32
C PRO D 58 25.41 13.91 18.37
N GLU D 59 26.36 13.13 18.86
CA GLU D 59 27.53 12.78 18.09
C GLU D 59 27.74 11.31 17.82
N LYS D 60 26.74 10.55 18.25
CA LYS D 60 26.64 9.12 18.09
C LYS D 60 25.87 8.96 16.79
N LYS D 61 25.49 7.73 16.50
CA LYS D 61 24.77 7.42 15.26
C LYS D 61 23.68 8.46 15.11
N GLY D 62 23.27 8.74 13.87
CA GLY D 62 22.25 9.74 13.62
C GLY D 62 22.67 11.06 14.21
N GLY D 63 23.97 11.22 14.29
CA GLY D 63 24.63 12.38 14.89
C GLY D 63 24.76 13.50 13.91
N LEU D 64 25.06 14.69 14.39
CA LEU D 64 25.22 15.82 13.49
C LEU D 64 26.39 15.56 12.61
N LYS D 65 27.42 14.96 13.17
CA LYS D 65 28.66 14.70 12.44
C LYS D 65 28.44 13.65 11.36
N GLU D 66 27.76 12.58 11.74
CA GLU D 66 27.46 11.46 10.85
C GLU D 66 26.49 11.87 9.75
N LEU D 67 25.51 12.69 10.13
CA LEU D 67 24.54 13.23 9.19
C LEU D 67 25.20 14.07 8.10
N TYR D 68 26.15 14.91 8.50
CA TYR D 68 26.80 15.83 7.57
C TYR D 68 27.70 15.08 6.57
N GLU D 69 28.29 13.98 7.04
CA GLU D 69 29.15 13.18 6.19
C GLU D 69 28.35 12.45 5.12
N LYS D 70 27.13 12.05 5.49
CA LYS D 70 26.22 11.42 4.55
C LYS D 70 25.77 12.42 3.50
N GLY D 71 25.72 13.69 3.89
CA GLY D 71 25.37 14.76 2.97
C GLY D 71 23.92 14.78 2.56
N PRO D 72 23.57 15.65 1.60
CA PRO D 72 24.50 16.61 0.99
C PRO D 72 24.75 17.82 1.90
N PRO D 73 25.97 18.39 1.85
CA PRO D 73 26.35 19.50 2.74
C PRO D 73 25.48 20.74 2.58
N ASN D 74 24.88 20.94 1.41
CA ASN D 74 24.10 22.14 1.14
C ASN D 74 22.71 22.12 1.79
N ALA D 75 22.47 21.11 2.63
CA ALA D 75 21.21 20.98 3.33
C ALA D 75 21.36 21.36 4.80
N PHE D 76 22.55 21.85 5.16
CA PHE D 76 22.89 22.06 6.56
C PHE D 76 23.04 23.52 6.93
N PHE D 77 22.22 23.95 7.87
CA PHE D 77 22.18 25.35 8.29
C PHE D 77 22.20 25.46 9.80
N LEU D 78 22.73 26.59 10.29
CA LEU D 78 22.71 26.89 11.72
C LEU D 78 21.98 28.21 11.95
N VAL D 79 21.02 28.19 12.87
CA VAL D 79 20.33 29.41 13.25
C VAL D 79 20.59 29.75 14.71
N LYS D 80 21.13 30.93 14.94
CA LYS D 80 21.29 31.45 16.29
C LYS D 80 20.07 32.26 16.68
N PHE D 81 19.34 31.79 17.68
CA PHE D 81 18.11 32.46 18.12
C PHE D 81 18.33 33.29 19.36
N TRP D 82 17.92 34.55 19.31
CA TRP D 82 17.75 35.34 20.53
C TRP D 82 16.28 35.29 20.91
N ALA D 83 15.91 34.23 21.63
CA ALA D 83 14.52 33.96 21.95
C ALA D 83 13.89 35.03 22.83
N ASP D 84 12.70 35.48 22.44
CA ASP D 84 11.94 36.42 23.26
C ASP D 84 11.20 35.69 24.37
N LEU D 85 11.79 35.71 25.57
CA LEU D 85 11.09 35.28 26.76
C LEU D 85 10.67 36.54 27.53
N ASN D 86 9.36 36.73 27.72
CA ASN D 86 8.88 37.97 28.34
C ASN D 86 7.54 37.84 29.06
N SER D 87 7.36 38.68 30.07
CA SER D 87 6.14 38.69 30.87
C SER D 87 5.05 39.56 30.27
N THR D 88 5.21 39.89 28.98
CA THR D 88 4.20 40.68 28.26
C THR D 88 2.83 40.02 28.32
N ILE D 89 2.83 38.69 28.18
CA ILE D 89 1.60 37.92 28.27
C ILE D 89 1.65 36.96 29.45
N GLN D 90 0.69 37.08 30.34
CA GLN D 90 0.62 36.22 31.52
C GLN D 90 -0.13 34.94 31.21
N GLU D 91 0.50 33.80 31.49
CA GLU D 91 -0.12 32.50 31.25
C GLU D 91 -1.41 32.35 32.05
N GLY D 92 -2.49 32.05 31.33
CA GLY D 92 -3.78 31.83 31.96
C GLY D 92 -4.32 30.45 31.64
N PRO D 93 -5.50 30.13 32.18
CA PRO D 93 -6.17 28.86 31.89
C PRO D 93 -6.46 28.70 30.40
N GLY D 94 -5.84 27.70 29.78
CA GLY D 94 -6.02 27.48 28.36
C GLY D 94 -4.90 28.04 27.51
N ALA D 95 -3.74 28.26 28.12
CA ALA D 95 -2.56 28.70 27.37
C ALA D 95 -2.13 27.59 26.41
N PHE D 96 -1.73 27.97 25.21
CA PHE D 96 -1.31 26.98 24.21
C PHE D 96 0.10 27.26 23.69
N TYR D 97 1.01 26.33 23.94
CA TYR D 97 2.36 26.40 23.40
C TYR D 97 2.43 25.61 22.10
N GLY D 98 2.86 26.25 21.01
CA GLY D 98 2.85 25.61 19.71
C GLY D 98 3.94 26.05 18.74
N VAL D 99 4.10 25.26 17.68
CA VAL D 99 5.06 25.57 16.62
C VAL D 99 4.39 25.48 15.25
N SER D 100 4.62 26.49 14.41
CA SER D 100 4.10 26.48 13.04
C SER D 100 5.21 26.67 12.02
N SER D 101 5.14 25.92 10.92
CA SER D 101 6.17 26.00 9.88
C SER D 101 5.65 25.63 8.50
N GLN D 102 6.30 26.17 7.47
CA GLN D 102 5.97 25.85 6.09
C GLN D 102 7.22 25.44 5.32
N TYR D 103 7.05 24.54 4.36
CA TYR D 103 8.15 24.12 3.49
C TYR D 103 7.65 24.07 2.05
N SER D 104 8.58 24.05 1.10
CA SER D 104 8.22 23.91 -0.31
C SER D 104 9.31 23.17 -1.07
N SER D 105 8.90 22.48 -2.12
CA SER D 105 9.84 21.75 -2.97
C SER D 105 9.31 21.72 -4.40
N ALA D 106 10.11 21.17 -5.32
CA ALA D 106 9.69 21.08 -6.70
C ALA D 106 9.11 19.69 -7.00
N ASP D 107 9.35 18.74 -6.10
CA ASP D 107 8.93 17.36 -6.31
C ASP D 107 7.68 17.01 -5.51
N SER D 108 6.86 16.14 -6.06
CA SER D 108 5.67 15.66 -5.36
C SER D 108 6.06 14.48 -4.47
N MET D 109 6.46 14.78 -3.25
CA MET D 109 6.89 13.74 -2.31
C MET D 109 6.44 14.01 -0.89
N THR D 110 6.36 12.95 -0.10
CA THR D 110 6.00 13.05 1.31
C THR D 110 7.25 13.22 2.17
N ILE D 111 7.24 14.23 3.03
CA ILE D 111 8.41 14.52 3.86
C ILE D 111 8.20 14.10 5.32
N SER D 112 9.29 13.91 6.04
CA SER D 112 9.26 13.58 7.46
C SER D 112 10.09 14.58 8.26
N VAL D 113 9.44 15.27 9.20
CA VAL D 113 10.10 16.33 9.96
C VAL D 113 10.45 15.87 11.37
N SER D 114 11.74 15.65 11.61
CA SER D 114 12.22 15.24 12.93
C SER D 114 12.77 16.42 13.72
N THR D 115 12.30 16.60 14.94
CA THR D 115 12.77 17.68 15.79
C THR D 115 13.34 17.12 17.09
N LYS D 116 14.62 17.36 17.31
CA LYS D 116 15.32 16.79 18.46
C LYS D 116 15.75 17.84 19.47
N VAL D 117 15.18 17.78 20.67
CA VAL D 117 15.59 18.64 21.77
C VAL D 117 16.78 18.02 22.49
N CYS D 118 17.80 18.83 22.76
CA CYS D 118 19.02 18.32 23.37
C CYS D 118 19.43 19.12 24.61
N SER D 119 19.89 18.40 25.64
CA SER D 119 20.43 19.03 26.84
C SER D 119 21.87 18.56 27.05
N PHE D 120 22.80 19.50 27.05
CA PHE D 120 24.24 19.20 27.14
C PHE D 120 24.67 18.24 26.02
N GLY D 121 24.07 18.41 24.84
CA GLY D 121 24.44 17.61 23.69
C GLY D 121 23.75 16.26 23.61
N LYS D 122 23.02 15.90 24.66
CA LYS D 122 22.32 14.62 24.70
C LYS D 122 20.84 14.80 24.33
N GLN D 123 20.36 13.95 23.42
CA GLN D 123 18.96 14.01 22.98
C GLN D 123 18.02 13.61 24.11
N VAL D 124 17.12 14.53 24.47
CA VAL D 124 16.19 14.32 25.57
C VAL D 124 14.83 13.83 25.08
N VAL D 125 14.28 14.52 24.09
CA VAL D 125 12.96 14.21 23.56
C VAL D 125 12.91 14.53 22.06
N GLU D 126 12.22 13.72 21.28
CA GLU D 126 12.12 13.91 19.83
C GLU D 126 10.68 13.86 19.33
N LYS D 127 10.37 14.70 18.33
CA LYS D 127 9.08 14.66 17.69
C LYS D 127 9.23 14.44 16.18
N VAL D 128 8.46 13.50 15.65
CA VAL D 128 8.49 13.21 14.22
C VAL D 128 7.13 13.45 13.59
N GLU D 129 7.09 14.32 12.58
CA GLU D 129 5.82 14.64 11.92
C GLU D 129 5.91 14.43 10.41
N THR D 130 5.05 13.55 9.90
CA THR D 130 4.94 13.31 8.46
C THR D 130 3.99 14.31 7.82
N GLU D 131 4.40 14.87 6.69
CA GLU D 131 3.57 15.87 6.00
C GLU D 131 3.38 15.55 4.53
N TYR D 132 2.13 15.62 4.08
CA TYR D 132 1.83 15.51 2.66
C TYR D 132 1.92 16.90 2.03
N ALA D 133 2.15 16.95 0.73
CA ALA D 133 2.28 18.20 0.02
C ALA D 133 0.94 18.64 -0.58
N ARG D 134 0.81 19.94 -0.83
CA ARG D 134 -0.31 20.47 -1.59
C ARG D 134 0.24 21.26 -2.76
N LEU D 135 -0.31 21.04 -3.95
CA LEU D 135 0.16 21.73 -5.15
C LEU D 135 -0.39 23.15 -5.21
N GLU D 136 0.48 24.14 -5.02
CA GLU D 136 0.08 25.54 -5.06
C GLU D 136 1.01 26.35 -5.94
N ASN D 137 0.49 26.83 -7.07
CA ASN D 137 1.26 27.61 -8.03
C ASN D 137 2.54 26.93 -8.48
N GLY D 138 2.42 25.69 -8.96
CA GLY D 138 3.55 24.95 -9.48
C GLY D 138 4.54 24.48 -8.43
N ARG D 139 4.26 24.81 -7.17
CA ARG D 139 5.10 24.41 -6.06
C ARG D 139 4.36 23.45 -5.13
N PHE D 140 5.12 22.59 -4.46
CA PHE D 140 4.54 21.67 -3.49
C PHE D 140 4.84 22.14 -2.08
N VAL D 141 3.81 22.60 -1.38
CA VAL D 141 4.02 23.21 -0.07
C VAL D 141 3.51 22.33 1.08
N TYR D 142 4.24 22.34 2.18
CA TYR D 142 3.91 21.54 3.36
C TYR D 142 3.62 22.46 4.53
N ARG D 143 2.58 22.16 5.29
CA ARG D 143 2.21 23.02 6.42
C ARG D 143 2.07 22.26 7.74
N ILE D 144 2.89 22.65 8.70
CA ILE D 144 2.72 22.22 10.08
C ILE D 144 2.12 23.38 10.85
N HIS D 145 0.83 23.30 11.16
CA HIS D 145 0.15 24.42 11.79
C HIS D 145 -0.22 24.15 13.23
N ARG D 146 0.29 24.99 14.12
CA ARG D 146 -0.02 24.93 15.55
C ARG D 146 0.29 23.57 16.16
N SER D 147 1.46 23.02 15.82
CA SER D 147 1.89 21.77 16.43
C SER D 147 2.23 22.00 17.89
N PRO D 148 1.55 21.27 18.79
CA PRO D 148 1.70 21.47 20.23
C PRO D 148 3.10 21.14 20.71
N MET D 149 3.66 22.00 21.55
CA MET D 149 4.94 21.72 22.19
C MET D 149 4.76 20.58 23.18
N GLU D 151 5.47 18.53 26.67
CA GLU D 151 5.52 18.96 28.06
C GLU D 151 6.92 19.37 28.51
N TYR D 152 7.93 18.70 27.97
CA TYR D 152 9.32 19.00 28.33
C TYR D 152 9.67 20.44 28.00
N MET D 153 9.27 20.89 26.81
CA MET D 153 9.54 22.25 26.36
C MET D 153 8.77 23.28 27.18
N ILE D 154 7.47 23.04 27.33
CA ILE D 154 6.62 23.91 28.12
C ILE D 154 7.16 24.04 29.55
N ASN D 155 7.59 22.91 30.11
CA ASN D 155 8.15 22.90 31.46
C ASN D 155 9.48 23.66 31.50
N PHE D 156 10.33 23.42 30.50
CA PHE D 156 11.62 24.07 30.41
C PHE D 156 11.49 25.59 30.29
N ILE D 157 10.49 26.03 29.54
CA ILE D 157 10.24 27.45 29.34
C ILE D 157 9.71 28.11 30.61
N HIS D 158 8.80 27.42 31.29
CA HIS D 158 8.24 27.90 32.55
C HIS D 158 9.32 28.16 33.59
N LYS D 159 10.19 27.17 33.79
CA LYS D 159 11.27 27.27 34.76
C LYS D 159 12.32 28.30 34.34
N LEU D 160 12.47 28.45 33.02
CA LEU D 160 13.37 29.45 32.46
C LEU D 160 12.89 30.86 32.84
N LYS D 161 11.58 31.04 32.85
CA LYS D 161 10.98 32.34 33.15
C LYS D 161 10.90 32.62 34.64
N HIS D 162 11.50 31.75 35.44
CA HIS D 162 11.53 31.92 36.88
C HIS D 162 12.96 32.21 37.37
N LEU D 163 13.92 32.06 36.47
CA LEU D 163 15.31 32.39 36.77
C LEU D 163 15.41 33.88 37.05
N PRO D 164 16.27 34.26 37.99
CA PRO D 164 16.35 35.65 38.42
C PRO D 164 16.73 36.71 37.43
N GLU D 165 17.67 36.41 36.56
CA GLU D 165 18.10 37.42 35.63
C GLU D 165 18.71 36.79 34.39
N LYS D 166 19.02 37.61 33.40
CA LYS D 166 19.51 37.14 32.15
C LYS D 166 20.76 36.29 32.14
N TYR D 167 21.71 36.58 32.99
CA TYR D 167 22.93 35.79 32.97
C TYR D 167 22.62 34.34 33.37
N MET D 168 21.77 34.18 34.38
CA MET D 168 21.35 32.85 34.83
C MET D 168 20.53 32.16 33.76
N MET D 169 19.70 32.93 33.07
CA MET D 169 18.89 32.41 31.99
C MET D 169 19.76 31.93 30.83
N ASN D 170 20.69 32.78 30.41
CA ASN D 170 21.65 32.42 29.38
C ASN D 170 22.53 31.24 29.81
N SER D 171 22.84 31.18 31.10
CA SER D 171 23.65 30.11 31.66
C SER D 171 23.02 28.75 31.41
N VAL D 172 21.69 28.71 31.43
CA VAL D 172 20.94 27.48 31.19
C VAL D 172 20.76 27.23 29.69
N LEU D 173 20.48 28.30 28.95
CA LEU D 173 20.24 28.20 27.52
C LEU D 173 21.49 27.80 26.74
N GLU D 174 22.66 27.96 27.36
CA GLU D 174 23.91 27.58 26.72
C GLU D 174 23.92 26.09 26.39
N ASN D 175 23.33 25.29 27.28
CA ASN D 175 23.32 23.85 27.13
C ASN D 175 21.98 23.36 26.56
N PHE D 176 21.28 24.23 25.85
CA PHE D 176 20.02 23.87 25.22
C PHE D 176 20.08 24.09 23.72
N THR D 177 19.94 23.00 22.96
CA THR D 177 19.97 23.06 21.51
C THR D 177 18.83 22.26 20.89
N ILE D 178 18.53 22.55 19.63
CA ILE D 178 17.49 21.82 18.90
C ILE D 178 17.97 21.49 17.48
N LEU D 179 17.86 20.22 17.11
CA LEU D 179 18.23 19.78 15.77
C LEU D 179 17.01 19.36 14.96
N GLN D 180 16.70 20.11 13.91
CA GLN D 180 15.62 19.72 13.01
C GLN D 180 16.19 19.03 11.78
N VAL D 181 15.74 17.80 11.54
CA VAL D 181 16.17 17.04 10.37
C VAL D 181 14.95 16.69 9.53
N VAL D 182 14.91 17.18 8.29
CA VAL D 182 13.82 16.86 7.39
C VAL D 182 14.28 15.84 6.36
N THR D 183 13.49 14.79 6.18
CA THR D 183 13.81 13.73 5.23
C THR D 183 12.62 13.40 4.34
N SER D 184 12.91 12.85 3.17
CA SER D 184 11.87 12.26 2.34
C SER D 184 11.39 11.01 3.07
N ARG D 185 10.08 10.82 3.15
CA ARG D 185 9.50 9.78 3.99
C ARG D 185 9.88 8.37 3.56
N ASP D 186 9.94 8.15 2.25
CA ASP D 186 10.13 6.81 1.70
C ASP D 186 11.60 6.39 1.53
N SER D 187 12.42 7.30 1.01
CA SER D 187 13.83 6.98 0.76
C SER D 187 14.75 7.42 1.88
N GLN D 188 14.20 8.16 2.84
CA GLN D 188 14.93 8.65 4.00
C GLN D 188 16.14 9.52 3.61
N GLU D 189 16.07 10.15 2.45
CA GLU D 189 17.11 11.05 1.99
C GLU D 189 17.03 12.37 2.74
N THR D 190 18.19 12.90 3.13
CA THR D 190 18.22 14.13 3.92
C THR D 190 17.94 15.34 3.05
N LEU D 191 16.85 16.04 3.37
CA LEU D 191 16.40 17.18 2.57
C LEU D 191 16.87 18.50 3.17
N LEU D 192 16.82 18.60 4.49
CA LEU D 192 17.18 19.83 5.17
C LEU D 192 17.54 19.57 6.63
N VAL D 193 18.63 20.19 7.09
CA VAL D 193 19.02 20.07 8.50
C VAL D 193 19.32 21.45 9.09
N ILE D 194 18.61 21.78 10.17
CA ILE D 194 18.81 23.05 10.83
C ILE D 194 19.15 22.88 12.30
N ALA D 195 20.33 23.35 12.68
CA ALA D 195 20.77 23.34 14.06
C ALA D 195 20.40 24.65 14.74
N PHE D 196 19.71 24.56 15.88
CA PHE D 196 19.26 25.74 16.60
C PHE D 196 20.03 25.91 17.91
N VAL D 197 20.65 27.08 18.08
CA VAL D 197 21.28 27.45 19.34
C VAL D 197 20.60 28.71 19.87
N PHE D 198 20.64 28.92 21.18
CA PHE D 198 19.79 29.93 21.79
C PHE D 198 20.45 30.90 22.77
N GLU D 199 19.96 32.14 22.76
CA GLU D 199 20.28 33.13 23.76
C GLU D 199 19.00 33.89 24.10
N VAL D 200 19.03 34.69 25.17
CA VAL D 200 17.86 35.46 25.58
C VAL D 200 17.84 36.84 24.95
N SER D 201 16.65 37.27 24.51
CA SER D 201 16.48 38.61 23.97
C SER D 201 16.39 39.67 25.08
N THR D 202 17.19 40.71 24.95
CA THR D 202 17.23 41.78 25.94
C THR D 202 16.61 43.09 25.47
N SER D 203 16.66 43.31 24.18
CA SER D 203 16.11 44.52 23.58
C SER D 203 14.61 44.52 23.46
N GLU D 204 14.08 45.72 23.31
CA GLU D 204 12.67 45.91 23.09
C GLU D 204 12.41 45.72 21.59
N HIS D 205 13.47 45.47 20.84
CA HIS D 205 13.43 45.21 19.42
C HIS D 205 12.69 43.90 19.24
N GLY D 206 12.85 43.03 20.20
CA GLY D 206 12.21 41.73 20.28
C GLY D 206 13.15 40.60 19.90
N ALA D 207 12.57 39.45 19.56
CA ALA D 207 13.36 38.28 19.18
C ALA D 207 14.18 38.56 17.93
N GLN D 208 15.36 37.95 17.87
CA GLN D 208 16.24 38.10 16.71
C GLN D 208 16.79 36.74 16.31
N HIS D 209 17.28 36.64 15.07
CA HIS D 209 17.90 35.40 14.60
C HIS D 209 18.99 35.69 13.57
N HIS D 210 20.01 34.83 13.55
CA HIS D 210 21.04 34.91 12.55
C HIS D 210 21.23 33.55 11.89
N VAL D 211 21.10 33.51 10.57
CA VAL D 211 21.23 32.26 9.84
C VAL D 211 22.66 32.07 9.34
N TYR D 212 23.18 30.86 9.50
CA TYR D 212 24.51 30.53 9.02
C TYR D 212 24.46 29.30 8.13
N LYS D 213 25.39 29.23 7.18
CA LYS D 213 25.55 28.02 6.37
C LYS D 213 26.70 27.19 6.93
N LEU D 214 26.40 25.93 7.25
CA LEU D 214 27.39 25.05 7.85
C LEU D 214 28.35 24.48 6.81
N VAL D 215 29.63 24.67 7.05
CA VAL D 215 30.67 24.19 6.14
C VAL D 215 31.67 23.31 6.88
N LYS D 216 32.55 22.66 6.13
CA LYS D 216 33.54 21.76 6.72
C LYS D 216 34.80 21.68 5.86
#